data_6ZUR
#
_entry.id   6ZUR
#
_cell.length_a   71.730
_cell.length_b   63.858
_cell.length_c   82.847
_cell.angle_alpha   90.000
_cell.angle_beta   102.670
_cell.angle_gamma   90.000
#
_symmetry.space_group_name_H-M   'P 1 21 1'
#
loop_
_entity.id
_entity.type
_entity.pdbx_description
1 polymer Aminotransferase
2 non-polymer 'MAGNESIUM ION'
3 non-polymer '(2S)-2-hydroxy-3-(4-hydroxyphenyl)propanoic acid'
4 non-polymer 'NITRATE ION'
5 non-polymer "PYRIDOXAL-5'-PHOSPHATE"
6 water water
#
_entity_poly.entity_id   1
_entity_poly.type   'polypeptide(L)'
_entity_poly.pdbx_seq_one_letter_code
;MFERIDYYAGDPILGLVEKFAADNNPDKVNLGIGIYYDESGVMPVLDCVKIAEQRIADPISPRPYLPMAGLPGHRKGCQE
LLFGKDAPVLKDGLVATIATIGGSGALKVGAEFIHEWFPQSKCYVSDPTWGNHIAIFEGCDIEVGKYPYYDTATGGIKFD
EMIAFFETLNKDDVLLLHPCCHNPTGVDLTREQWDTVLNVIQERELIPFMDIAYQGFGEDMDSDAYAIRKAVDMGLPLFV
SNSFSKNLSLYGERVGGLSVVCPTVDETERVFGQLNSTVRRIYSSPPSHGGRVVDIVMNDAALHEQWVGEVYAMRDRIKS
MRTKLKSVLEAKISGRNFDYLTAQNGMFSFTGLTPEQVERLQSEFGIYMISNSRMCVAGLNSSNIDYVANAMVDVLKD
;
_entity_poly.pdbx_strand_id   A,B
#
# COMPACT_ATOMS: atom_id res chain seq x y z
N MET A 1 -22.30 -18.47 -4.71
CA MET A 1 -22.18 -17.01 -4.30
C MET A 1 -21.30 -16.23 -5.26
N PHE A 2 -20.18 -16.83 -5.67
CA PHE A 2 -19.18 -16.14 -6.47
C PHE A 2 -19.05 -16.80 -7.83
N GLU A 3 -20.13 -17.47 -8.27
CA GLU A 3 -20.16 -18.00 -9.62
C GLU A 3 -20.03 -16.91 -10.67
N ARG A 4 -20.55 -15.72 -10.37
CA ARG A 4 -20.42 -14.58 -11.28
C ARG A 4 -18.96 -14.09 -11.48
N ILE A 5 -18.08 -14.42 -10.53
CA ILE A 5 -16.66 -13.99 -10.61
C ILE A 5 -15.88 -14.75 -11.70
N ASP A 6 -15.32 -14.01 -12.66
CA ASP A 6 -14.43 -14.56 -13.67
C ASP A 6 -13.06 -14.90 -13.08
N TYR A 7 -12.43 -15.86 -13.72
CA TYR A 7 -11.09 -16.26 -13.39
C TYR A 7 -10.15 -15.15 -13.82
N TYR A 8 -9.11 -14.95 -13.03
CA TYR A 8 -8.06 -14.02 -13.40
C TYR A 8 -6.93 -14.76 -14.11
N ALA A 9 -6.63 -14.31 -15.33
CA ALA A 9 -5.60 -14.89 -16.19
C ALA A 9 -4.22 -14.95 -15.55
N GLY A 10 -3.89 -13.97 -14.72
CA GLY A 10 -2.60 -13.94 -14.02
C GLY A 10 -1.70 -12.98 -14.74
N ASP A 11 -0.73 -12.45 -14.02
CA ASP A 11 0.21 -11.51 -14.61
C ASP A 11 0.90 -12.20 -15.80
N PRO A 12 0.88 -11.55 -17.00
CA PRO A 12 1.49 -12.16 -18.19
C PRO A 12 2.99 -12.47 -18.05
N ILE A 13 3.75 -11.49 -17.57
CA ILE A 13 5.19 -11.65 -17.33
C ILE A 13 5.40 -12.83 -16.37
N LEU A 14 4.56 -12.99 -15.35
CA LEU A 14 4.60 -14.19 -14.50
C LEU A 14 4.28 -15.50 -15.26
N GLY A 15 3.38 -15.47 -16.23
CA GLY A 15 3.03 -16.67 -17.04
C GLY A 15 4.22 -17.26 -17.78
N LEU A 16 4.97 -16.39 -18.44
CA LEU A 16 6.25 -16.73 -19.06
C LEU A 16 7.21 -17.35 -18.05
N VAL A 17 7.28 -16.73 -16.87
CA VAL A 17 8.21 -17.13 -15.79
C VAL A 17 7.99 -18.57 -15.33
N GLU A 18 6.72 -18.98 -15.26
CA GLU A 18 6.40 -20.36 -14.93
C GLU A 18 7.08 -21.26 -15.95
N LYS A 19 6.92 -20.92 -17.23
CA LYS A 19 7.44 -21.75 -18.32
C LYS A 19 8.96 -21.89 -18.29
N PHE A 20 9.65 -20.79 -17.99
CA PHE A 20 11.12 -20.80 -17.87
C PHE A 20 11.57 -21.74 -16.78
N ALA A 21 10.96 -21.65 -15.60
CA ALA A 21 11.32 -22.48 -14.43
C ALA A 21 11.13 -23.96 -14.75
N ALA A 22 9.99 -24.27 -15.36
CA ALA A 22 9.71 -25.60 -15.88
C ALA A 22 10.77 -26.10 -16.88
N ASP A 23 11.21 -25.24 -17.79
CA ASP A 23 12.18 -25.59 -18.85
C ASP A 23 13.39 -26.33 -18.27
N ASN A 24 13.73 -27.46 -18.86
CA ASN A 24 14.84 -28.25 -18.35
C ASN A 24 16.12 -28.09 -19.15
N ASN A 25 16.16 -27.16 -20.09
CA ASN A 25 17.39 -26.84 -20.79
C ASN A 25 18.38 -26.38 -19.72
N PRO A 26 19.52 -27.09 -19.59
CA PRO A 26 20.54 -26.68 -18.59
C PRO A 26 21.11 -25.28 -18.85
N ASP A 27 21.14 -24.88 -20.13
CA ASP A 27 21.65 -23.58 -20.54
C ASP A 27 20.57 -22.48 -20.64
N LYS A 28 19.36 -22.75 -20.15
CA LYS A 28 18.30 -21.71 -20.18
C LYS A 28 18.71 -20.41 -19.47
N VAL A 29 18.27 -19.30 -20.02
CA VAL A 29 18.48 -17.98 -19.42
C VAL A 29 17.12 -17.24 -19.43
N ASN A 30 16.78 -16.56 -18.34
CA ASN A 30 15.60 -15.68 -18.31
C ASN A 30 15.98 -14.21 -18.51
N LEU A 31 15.54 -13.64 -19.65
CA LEU A 31 15.67 -12.20 -19.92
C LEU A 31 14.33 -11.48 -20.01
N GLY A 32 13.29 -12.10 -19.42
CA GLY A 32 11.91 -11.68 -19.49
C GLY A 32 11.45 -10.71 -18.40
N ILE A 33 12.10 -10.79 -17.23
CA ILE A 33 11.62 -10.03 -16.06
C ILE A 33 12.45 -8.79 -15.91
N GLY A 34 11.78 -7.67 -15.70
CA GLY A 34 12.46 -6.41 -15.46
C GLY A 34 12.96 -6.33 -14.04
N ILE A 35 13.91 -7.21 -13.70
CA ILE A 35 14.58 -7.21 -12.39
C ILE A 35 16.05 -7.04 -12.66
N TYR A 36 16.76 -6.31 -11.83
CA TYR A 36 18.21 -6.20 -12.03
C TYR A 36 18.95 -7.29 -11.31
N TYR A 37 19.83 -7.94 -12.03
CA TYR A 37 20.81 -8.88 -11.49
C TYR A 37 22.20 -8.37 -11.73
N ASP A 38 23.08 -8.70 -10.81
CA ASP A 38 24.49 -8.28 -10.85
C ASP A 38 25.32 -9.23 -11.74
N GLU A 39 26.65 -9.06 -11.69
CA GLU A 39 27.59 -9.90 -12.41
C GLU A 39 27.30 -11.37 -12.22
N SER A 40 26.94 -11.79 -11.00
CA SER A 40 26.73 -13.22 -10.72
C SER A 40 25.31 -13.74 -11.02
N GLY A 41 24.44 -12.88 -11.53
CA GLY A 41 23.07 -13.28 -11.86
C GLY A 41 22.08 -13.28 -10.71
N VAL A 42 22.38 -12.58 -9.61
CA VAL A 42 21.51 -12.56 -8.44
C VAL A 42 21.10 -11.12 -8.16
N MET A 43 19.97 -10.95 -7.48
CA MET A 43 19.51 -9.64 -7.13
C MET A 43 20.49 -9.12 -6.07
N PRO A 44 20.98 -7.89 -6.25
CA PRO A 44 21.92 -7.38 -5.25
C PRO A 44 21.24 -6.83 -4.02
N VAL A 45 21.96 -6.88 -2.92
CA VAL A 45 21.69 -6.11 -1.73
C VAL A 45 22.74 -5.03 -1.78
N LEU A 46 22.32 -3.77 -1.82
CA LEU A 46 23.22 -2.66 -1.93
C LEU A 46 23.90 -2.41 -0.56
N ASP A 47 25.17 -2.01 -0.62
CA ASP A 47 25.95 -1.72 0.57
C ASP A 47 25.29 -0.65 1.38
N CYS A 48 24.77 0.40 0.74
CA CYS A 48 24.23 1.54 1.48
C CYS A 48 22.98 1.10 2.21
N VAL A 49 22.16 0.34 1.51
CA VAL A 49 21.00 -0.27 2.13
C VAL A 49 21.33 -1.16 3.31
N LYS A 50 22.27 -2.07 3.10
CA LYS A 50 22.68 -2.95 4.18
C LYS A 50 23.03 -2.09 5.41
N ILE A 51 23.76 -1.01 5.20
CA ILE A 51 24.11 -0.16 6.29
C ILE A 51 22.88 0.50 6.90
N ALA A 52 21.97 0.94 6.06
CA ALA A 52 20.76 1.57 6.55
C ALA A 52 19.98 0.60 7.43
N GLU A 53 19.95 -0.65 7.05
CA GLU A 53 19.17 -1.64 7.76
C GLU A 53 19.80 -2.05 9.11
N GLN A 54 21.12 -2.15 9.17
CA GLN A 54 21.80 -2.31 10.44
C GLN A 54 21.51 -1.17 11.41
N ARG A 55 21.34 0.03 10.89
CA ARG A 55 20.99 1.14 11.74
C ARG A 55 19.55 0.97 12.24
N ILE A 56 18.68 0.43 11.38
CA ILE A 56 17.26 0.26 11.70
C ILE A 56 17.13 -0.85 12.72
N ALA A 57 17.98 -1.86 12.61
CA ALA A 57 17.94 -2.97 13.56
C ALA A 57 18.67 -2.67 14.90
N ASP A 58 19.33 -1.52 15.04
CA ASP A 58 20.15 -1.15 16.17
C ASP A 58 19.83 0.26 16.73
N PRO A 59 18.94 0.38 17.72
CA PRO A 59 18.18 -0.76 18.24
C PRO A 59 16.84 -0.93 17.46
N ILE A 60 16.24 -2.10 17.61
CA ILE A 60 14.89 -2.34 17.16
C ILE A 60 13.95 -1.40 17.90
N SER A 61 13.26 -0.54 17.15
CA SER A 61 12.41 0.51 17.73
C SER A 61 10.91 0.28 17.58
N PRO A 62 10.13 1.03 18.38
CA PRO A 62 8.71 1.01 18.26
C PRO A 62 8.31 1.37 16.86
N ARG A 63 7.16 0.86 16.44
CA ARG A 63 6.70 1.08 15.05
C ARG A 63 5.36 1.82 14.98
N PRO A 64 5.36 3.10 15.35
CA PRO A 64 4.16 3.87 15.14
C PRO A 64 3.81 4.09 13.69
N TYR A 65 2.54 4.43 13.41
CA TYR A 65 2.17 4.74 12.03
C TYR A 65 3.07 5.84 11.55
N LEU A 66 3.53 5.74 10.31
CA LEU A 66 4.11 6.88 9.67
C LEU A 66 2.99 7.90 9.36
N PRO A 67 3.38 9.12 9.07
CA PRO A 67 2.37 9.99 8.57
C PRO A 67 1.86 9.45 7.23
N MET A 68 0.69 9.91 6.83
CA MET A 68 0.08 9.48 5.59
C MET A 68 0.96 9.81 4.40
N ALA A 69 1.67 10.94 4.47
CA ALA A 69 2.61 11.33 3.39
C ALA A 69 3.92 10.55 3.47
N GLY A 70 4.07 9.79 4.53
CA GLY A 70 5.23 9.05 4.85
C GLY A 70 6.21 9.92 5.52
N LEU A 71 7.42 9.44 5.64
CA LEU A 71 8.49 10.20 6.32
C LEU A 71 8.93 11.44 5.56
N PRO A 72 9.05 12.53 6.28
CA PRO A 72 9.56 13.80 5.70
C PRO A 72 10.90 13.62 5.00
N GLY A 73 11.77 12.88 5.63
CA GLY A 73 13.05 12.60 4.96
C GLY A 73 12.91 11.84 3.68
N HIS A 74 11.97 10.89 3.65
CA HIS A 74 11.67 10.12 2.41
C HIS A 74 11.14 11.07 1.37
N ARG A 75 10.22 11.95 1.75
CA ARG A 75 9.68 12.96 0.83
C ARG A 75 10.74 13.90 0.27
N LYS A 76 11.56 14.44 1.17
CA LYS A 76 12.63 15.32 0.76
C LYS A 76 13.61 14.60 -0.13
N GLY A 77 14.03 13.41 0.23
CA GLY A 77 14.91 12.67 -0.70
C GLY A 77 14.34 12.53 -2.08
N CYS A 78 13.06 12.17 -2.20
CA CYS A 78 12.42 12.12 -3.54
C CYS A 78 12.56 13.43 -4.28
N GLN A 79 12.28 14.49 -3.58
CA GLN A 79 12.27 15.82 -4.15
C GLN A 79 13.60 16.26 -4.62
N GLU A 80 14.59 16.12 -3.76
CA GLU A 80 15.96 16.54 -4.09
C GLU A 80 16.49 15.73 -5.22
N LEU A 81 16.13 14.46 -5.24
CA LEU A 81 16.56 13.59 -6.31
C LEU A 81 15.95 14.00 -7.62
N LEU A 82 14.66 14.26 -7.61
CA LEU A 82 13.97 14.54 -8.84
C LEU A 82 14.18 15.93 -9.36
N PHE A 83 14.10 16.91 -8.48
CA PHE A 83 14.19 18.31 -8.91
C PHE A 83 15.56 19.00 -8.68
N GLY A 84 16.50 18.30 -8.04
CA GLY A 84 17.79 18.86 -7.75
C GLY A 84 17.81 19.47 -6.36
N LYS A 85 18.96 19.39 -5.70
CA LYS A 85 19.11 19.86 -4.31
C LYS A 85 18.86 21.35 -4.24
N ASP A 86 18.12 21.78 -3.24
CA ASP A 86 17.71 23.20 -3.13
C ASP A 86 17.28 23.80 -4.47
N ALA A 87 16.62 23.01 -5.31
CA ALA A 87 16.04 23.53 -6.52
C ALA A 87 15.00 24.64 -6.19
N PRO A 88 14.86 25.62 -7.09
CA PRO A 88 14.03 26.77 -6.83
C PRO A 88 12.60 26.41 -6.54
N VAL A 89 12.08 25.45 -7.32
CA VAL A 89 10.74 24.93 -7.12
C VAL A 89 10.54 24.39 -5.70
N LEU A 90 11.53 23.69 -5.14
CA LEU A 90 11.48 23.24 -3.73
C LEU A 90 11.60 24.38 -2.72
N LYS A 91 12.56 25.30 -2.92
CA LYS A 91 12.73 26.45 -1.98
C LYS A 91 11.54 27.43 -2.06
N ASP A 92 10.84 27.45 -3.20
CA ASP A 92 9.54 28.12 -3.31
C ASP A 92 8.35 27.32 -2.75
N GLY A 93 8.56 26.04 -2.41
CA GLY A 93 7.48 25.25 -1.76
C GLY A 93 6.32 24.90 -2.69
N LEU A 94 6.65 24.67 -3.95
CA LEU A 94 5.68 24.42 -5.00
C LEU A 94 5.51 22.95 -5.39
N VAL A 95 6.10 22.05 -4.59
CA VAL A 95 6.00 20.63 -4.78
C VAL A 95 5.32 19.95 -3.60
N ALA A 96 4.18 19.32 -3.90
CA ALA A 96 3.53 18.46 -2.93
C ALA A 96 4.02 17.01 -3.15
N THR A 97 4.63 16.39 -2.13
CA THR A 97 5.21 15.05 -2.25
C THR A 97 4.78 14.10 -1.13
N ILE A 98 4.48 12.86 -1.53
CA ILE A 98 4.20 11.80 -0.57
C ILE A 98 5.08 10.58 -0.87
N ALA A 99 5.42 9.83 0.16
CA ALA A 99 5.97 8.51 -0.04
C ALA A 99 4.85 7.67 -0.56
N THR A 100 5.19 6.61 -1.31
CA THR A 100 4.18 5.71 -1.85
C THR A 100 4.64 4.29 -1.78
N ILE A 101 3.67 3.39 -2.01
CA ILE A 101 3.91 1.98 -2.02
C ILE A 101 4.55 1.67 -3.36
N GLY A 102 5.82 1.99 -3.48
CA GLY A 102 6.54 1.86 -4.79
C GLY A 102 6.03 2.81 -5.89
N GLY A 103 6.54 2.67 -7.09
CA GLY A 103 6.11 3.50 -8.20
C GLY A 103 4.66 3.20 -8.57
N SER A 104 4.26 1.95 -8.41
CA SER A 104 2.89 1.54 -8.63
C SER A 104 1.90 2.31 -7.79
N GLY A 105 2.20 2.38 -6.48
CA GLY A 105 1.40 3.08 -5.55
C GLY A 105 1.29 4.54 -5.80
N ALA A 106 2.37 5.17 -6.24
CA ALA A 106 2.33 6.59 -6.71
C ALA A 106 1.47 6.77 -7.96
N LEU A 107 1.63 5.89 -8.94
CA LEU A 107 0.74 5.90 -10.09
C LEU A 107 -0.72 5.80 -9.64
N LYS A 108 -1.01 4.91 -8.69
CA LYS A 108 -2.41 4.76 -8.22
C LYS A 108 -2.99 6.00 -7.60
N VAL A 109 -2.26 6.61 -6.65
CA VAL A 109 -2.72 7.80 -5.97
C VAL A 109 -2.85 8.95 -6.95
N GLY A 110 -1.90 9.10 -7.84
CA GLY A 110 -1.97 10.19 -8.80
C GLY A 110 -3.18 10.00 -9.70
N ALA A 111 -3.38 8.78 -10.18
CA ALA A 111 -4.50 8.49 -11.09
C ALA A 111 -5.83 8.71 -10.37
N GLU A 112 -5.92 8.32 -9.11
CA GLU A 112 -7.14 8.51 -8.35
C GLU A 112 -7.42 10.01 -8.15
N PHE A 113 -6.35 10.77 -7.85
CA PHE A 113 -6.49 12.19 -7.67
C PHE A 113 -7.01 12.84 -9.00
N ILE A 114 -6.42 12.43 -10.11
CA ILE A 114 -6.86 12.91 -11.43
C ILE A 114 -8.31 12.54 -11.65
N HIS A 115 -8.69 11.30 -11.33
CA HIS A 115 -10.03 10.83 -11.57
C HIS A 115 -11.09 11.63 -10.81
N GLU A 116 -10.78 11.98 -9.59
CA GLU A 116 -11.62 12.72 -8.73
C GLU A 116 -11.76 14.17 -9.14
N TRP A 117 -10.65 14.85 -9.38
CA TRP A 117 -10.66 16.26 -9.66
C TRP A 117 -10.71 16.69 -11.13
N PHE A 118 -10.27 15.80 -12.02
CA PHE A 118 -10.33 16.02 -13.48
C PHE A 118 -11.07 14.86 -14.11
N PRO A 119 -12.34 14.65 -13.74
CA PRO A 119 -13.14 13.50 -14.21
C PRO A 119 -13.24 13.31 -15.70
N GLN A 120 -13.14 14.42 -16.45
CA GLN A 120 -13.14 14.41 -17.92
C GLN A 120 -11.85 13.95 -18.58
N SER A 121 -10.73 14.01 -17.85
CA SER A 121 -9.45 13.71 -18.50
C SER A 121 -9.38 12.29 -18.92
N LYS A 122 -8.75 12.07 -20.05
CA LYS A 122 -8.31 10.73 -20.42
C LYS A 122 -6.81 10.65 -20.22
N CYS A 123 -6.28 9.43 -20.21
CA CYS A 123 -4.85 9.22 -20.11
C CYS A 123 -4.32 8.50 -21.31
N TYR A 124 -3.13 8.92 -21.75
CA TYR A 124 -2.56 8.29 -22.89
C TYR A 124 -1.21 7.75 -22.54
N VAL A 125 -1.00 6.52 -22.96
CA VAL A 125 0.30 5.84 -22.69
C VAL A 125 1.06 5.63 -23.98
N SER A 126 2.38 5.48 -23.86
CA SER A 126 3.24 5.24 -25.04
C SER A 126 2.87 3.88 -25.68
N ASP A 127 2.92 3.81 -27.01
CA ASP A 127 2.78 2.54 -27.73
C ASP A 127 4.16 1.99 -28.17
N PRO A 128 4.69 1.00 -27.51
CA PRO A 128 4.11 0.26 -26.43
C PRO A 128 4.53 0.83 -25.04
N THR A 129 4.10 0.18 -23.99
CA THR A 129 4.42 0.60 -22.64
C THR A 129 4.32 -0.57 -21.69
N TRP A 130 4.73 -0.31 -20.45
CA TRP A 130 4.68 -1.29 -19.35
C TRP A 130 3.24 -1.61 -19.03
N GLY A 131 2.91 -2.91 -19.04
CA GLY A 131 1.50 -3.37 -18.95
C GLY A 131 0.70 -2.81 -17.79
N ASN A 132 1.35 -2.73 -16.62
CA ASN A 132 0.74 -2.23 -15.37
C ASN A 132 0.22 -0.76 -15.39
N HIS A 133 0.70 0.07 -16.31
CA HIS A 133 0.33 1.47 -16.39
C HIS A 133 -1.14 1.55 -16.71
N ILE A 134 -1.55 0.73 -17.67
CA ILE A 134 -2.90 0.73 -18.17
C ILE A 134 -3.86 0.25 -17.11
N ALA A 135 -3.50 -0.85 -16.45
CA ALA A 135 -4.36 -1.37 -15.38
C ALA A 135 -4.60 -0.37 -14.27
N ILE A 136 -3.61 0.39 -13.91
CA ILE A 136 -3.69 1.27 -12.76
C ILE A 136 -4.67 2.39 -13.01
N PHE A 137 -4.48 3.07 -14.16
CA PHE A 137 -5.36 4.09 -14.60
C PHE A 137 -6.79 3.60 -14.89
N GLU A 138 -6.93 2.53 -15.62
CA GLU A 138 -8.30 2.01 -15.87
C GLU A 138 -8.97 1.57 -14.59
N GLY A 139 -8.17 1.07 -13.65
CA GLY A 139 -8.69 0.65 -12.34
C GLY A 139 -9.23 1.83 -11.55
N CYS A 140 -8.95 3.05 -12.01
CA CYS A 140 -9.51 4.27 -11.44
C CYS A 140 -10.71 4.77 -12.21
N ASP A 141 -11.22 3.97 -13.16
CA ASP A 141 -12.24 4.36 -14.18
C ASP A 141 -11.85 5.55 -15.05
N ILE A 142 -10.55 5.70 -15.32
CA ILE A 142 -10.06 6.70 -16.24
C ILE A 142 -9.92 5.95 -17.53
N GLU A 143 -10.31 6.61 -18.61
CA GLU A 143 -10.24 6.02 -19.92
C GLU A 143 -8.84 6.14 -20.42
N VAL A 144 -8.26 5.03 -20.93
CA VAL A 144 -6.85 5.02 -21.38
C VAL A 144 -6.72 4.69 -22.84
N GLY A 145 -5.97 5.56 -23.54
CA GLY A 145 -5.57 5.32 -24.92
C GLY A 145 -4.06 5.28 -25.08
N LYS A 146 -3.61 5.19 -26.33
CA LYS A 146 -2.17 5.15 -26.63
C LYS A 146 -1.75 6.25 -27.59
N TYR A 147 -0.57 6.82 -27.36
CA TYR A 147 0.00 7.77 -28.27
C TYR A 147 1.08 7.02 -29.08
N PRO A 148 1.38 7.48 -30.32
CA PRO A 148 2.44 6.89 -31.12
C PRO A 148 3.74 7.15 -30.45
N TYR A 149 4.56 6.11 -30.37
CA TYR A 149 5.88 6.28 -29.77
C TYR A 149 6.94 5.51 -30.57
N TYR A 150 6.96 4.20 -30.44
CA TYR A 150 7.99 3.39 -31.03
C TYR A 150 7.72 3.19 -32.51
N ASP A 151 8.75 3.39 -33.33
CA ASP A 151 8.68 3.24 -34.78
C ASP A 151 9.29 1.88 -35.15
N THR A 152 8.41 0.92 -35.42
CA THR A 152 8.82 -0.44 -35.78
C THR A 152 9.76 -0.47 -36.95
N ALA A 153 9.49 0.37 -37.95
CA ALA A 153 10.29 0.42 -39.16
C ALA A 153 11.75 0.76 -38.84
N THR A 154 11.96 1.90 -38.20
CA THR A 154 13.31 2.42 -37.93
C THR A 154 13.95 1.92 -36.61
N GLY A 155 13.12 1.41 -35.71
CA GLY A 155 13.52 1.22 -34.30
C GLY A 155 13.56 2.53 -33.50
N GLY A 156 13.14 3.63 -34.10
CA GLY A 156 13.24 4.93 -33.46
C GLY A 156 11.86 5.34 -32.97
N ILE A 157 11.61 6.63 -32.95
CA ILE A 157 10.38 7.18 -32.44
C ILE A 157 9.65 7.89 -33.57
N LYS A 158 8.33 7.66 -33.64
CA LYS A 158 7.48 8.29 -34.60
C LYS A 158 7.24 9.69 -34.12
N PHE A 159 8.30 10.48 -34.12
CA PHE A 159 8.29 11.71 -33.37
C PHE A 159 7.25 12.66 -33.97
N ASP A 160 7.25 12.84 -35.29
CA ASP A 160 6.27 13.70 -35.97
C ASP A 160 4.84 13.31 -35.64
N GLU A 161 4.51 12.04 -35.81
CA GLU A 161 3.16 11.56 -35.52
C GLU A 161 2.80 11.78 -34.03
N MET A 162 3.75 11.52 -33.14
CA MET A 162 3.50 11.68 -31.72
C MET A 162 3.14 13.11 -31.41
N ILE A 163 3.91 14.04 -31.95
CA ILE A 163 3.63 15.47 -31.78
C ILE A 163 2.23 15.87 -32.35
N ALA A 164 1.92 15.38 -33.55
CA ALA A 164 0.62 15.66 -34.17
C ALA A 164 -0.49 15.06 -33.36
N PHE A 165 -0.26 13.87 -32.82
CA PHE A 165 -1.23 13.30 -31.90
C PHE A 165 -1.59 14.16 -30.71
N PHE A 166 -0.56 14.64 -29.98
CA PHE A 166 -0.77 15.45 -28.81
C PHE A 166 -1.61 16.70 -29.04
N GLU A 167 -1.50 17.30 -30.23
CA GLU A 167 -2.37 18.45 -30.63
C GLU A 167 -3.84 18.17 -30.78
N THR A 168 -4.19 16.90 -30.94
CA THR A 168 -5.60 16.53 -31.00
C THR A 168 -6.23 16.38 -29.61
N LEU A 169 -5.40 16.31 -28.58
CA LEU A 169 -5.92 16.01 -27.24
C LEU A 169 -6.59 17.20 -26.55
N ASN A 170 -7.43 16.88 -25.57
CA ASN A 170 -8.26 17.90 -24.89
C ASN A 170 -7.49 18.45 -23.72
N LYS A 171 -7.86 19.67 -23.36
CA LYS A 171 -7.24 20.32 -22.22
C LYS A 171 -7.46 19.48 -20.98
N ASP A 172 -6.42 19.44 -20.14
CA ASP A 172 -6.38 18.56 -18.99
C ASP A 172 -6.27 17.06 -19.23
N ASP A 173 -6.19 16.62 -20.48
CA ASP A 173 -5.89 15.21 -20.74
C ASP A 173 -4.46 14.92 -20.24
N VAL A 174 -4.27 13.69 -19.80
CA VAL A 174 -3.02 13.24 -19.21
C VAL A 174 -2.14 12.43 -20.16
N LEU A 175 -0.87 12.79 -20.19
CA LEU A 175 0.18 11.95 -20.91
C LEU A 175 1.08 11.22 -19.98
N LEU A 176 1.13 9.88 -20.10
CA LEU A 176 2.01 9.12 -19.27
C LEU A 176 3.35 9.01 -19.98
N LEU A 177 4.34 9.69 -19.40
CA LEU A 177 5.66 9.82 -19.97
C LEU A 177 6.75 9.23 -19.14
N HIS A 178 7.78 8.75 -19.83
CA HIS A 178 8.97 8.15 -19.28
C HIS A 178 10.13 9.13 -19.48
N PRO A 179 10.62 9.72 -18.44
CA PRO A 179 11.71 10.68 -18.60
C PRO A 179 12.98 10.07 -19.16
N CYS A 180 13.31 8.84 -18.78
CA CYS A 180 14.33 8.05 -19.47
C CYS A 180 14.03 6.56 -19.38
N CYS A 181 14.90 5.74 -19.99
CA CYS A 181 14.88 4.32 -19.76
C CYS A 181 13.50 3.67 -20.08
N HIS A 182 13.02 3.95 -21.26
CA HIS A 182 11.71 3.44 -21.67
C HIS A 182 11.56 1.92 -21.46
N ASN A 183 10.42 1.56 -20.90
CA ASN A 183 9.98 0.23 -20.75
C ASN A 183 8.77 0.06 -21.68
N PRO A 184 8.80 -0.83 -22.65
CA PRO A 184 9.82 -1.87 -22.84
C PRO A 184 10.92 -1.64 -23.84
N THR A 185 10.92 -0.55 -24.58
CA THR A 185 11.76 -0.44 -25.80
C THR A 185 13.21 -0.05 -25.48
N GLY A 186 13.41 0.81 -24.49
CA GLY A 186 14.76 1.34 -24.25
C GLY A 186 14.98 2.60 -25.04
N VAL A 187 14.00 3.01 -25.85
CA VAL A 187 14.25 4.10 -26.82
C VAL A 187 13.70 5.36 -26.16
N ASP A 188 14.58 6.31 -25.97
CA ASP A 188 14.32 7.55 -25.37
C ASP A 188 14.36 8.73 -26.34
N LEU A 189 13.68 9.78 -25.91
CA LEU A 189 13.61 11.02 -26.56
C LEU A 189 14.92 11.66 -26.31
N THR A 190 15.38 12.45 -27.24
CA THR A 190 16.53 13.30 -27.03
C THR A 190 16.01 14.54 -26.32
N ARG A 191 16.92 15.37 -25.80
CA ARG A 191 16.55 16.61 -25.10
C ARG A 191 15.77 17.53 -25.99
N GLU A 192 16.22 17.67 -27.21
CA GLU A 192 15.56 18.56 -28.15
C GLU A 192 14.11 18.08 -28.43
N GLN A 193 13.90 16.76 -28.47
CA GLN A 193 12.55 16.23 -28.67
C GLN A 193 11.70 16.47 -27.41
N TRP A 194 12.34 16.41 -26.25
CA TRP A 194 11.64 16.70 -25.01
C TRP A 194 11.13 18.12 -25.06
N ASP A 195 11.94 19.05 -25.54
CA ASP A 195 11.50 20.47 -25.55
C ASP A 195 10.27 20.67 -26.44
N THR A 196 10.25 20.03 -27.60
CA THR A 196 9.07 20.08 -28.48
C THR A 196 7.84 19.49 -27.80
N VAL A 197 8.02 18.31 -27.21
CA VAL A 197 6.97 17.62 -26.53
C VAL A 197 6.39 18.53 -25.46
N LEU A 198 7.26 19.09 -24.63
CA LEU A 198 6.79 19.82 -23.49
C LEU A 198 6.15 21.13 -23.98
N ASN A 199 6.74 21.71 -25.04
CA ASN A 199 6.13 22.81 -25.75
C ASN A 199 4.64 22.56 -26.16
N VAL A 200 4.36 21.45 -26.81
CA VAL A 200 3.00 21.18 -27.18
C VAL A 200 2.16 20.89 -25.97
N ILE A 201 2.74 20.20 -24.99
CA ILE A 201 2.05 19.99 -23.73
C ILE A 201 1.61 21.32 -23.08
N GLN A 202 2.49 22.29 -23.11
CA GLN A 202 2.19 23.61 -22.65
C GLN A 202 1.08 24.25 -23.44
N GLU A 203 1.24 24.27 -24.74
CA GLU A 203 0.21 24.87 -25.62
C GLU A 203 -1.15 24.22 -25.49
N ARG A 204 -1.17 22.89 -25.46
CA ARG A 204 -2.45 22.17 -25.44
C ARG A 204 -3.03 22.05 -24.03
N GLU A 205 -2.28 22.55 -23.02
CA GLU A 205 -2.63 22.51 -21.60
C GLU A 205 -2.93 21.09 -21.15
N LEU A 206 -2.07 20.18 -21.55
CA LEU A 206 -2.18 18.82 -21.12
C LEU A 206 -1.46 18.62 -19.79
N ILE A 207 -1.80 17.51 -19.13
CA ILE A 207 -1.16 17.15 -17.88
C ILE A 207 -0.06 16.09 -18.10
N PRO A 208 1.19 16.46 -17.93
CA PRO A 208 2.25 15.50 -18.02
C PRO A 208 2.42 14.71 -16.73
N PHE A 209 2.44 13.37 -16.85
CA PHE A 209 2.63 12.48 -15.70
C PHE A 209 3.88 11.66 -16.00
N MET A 210 4.95 12.04 -15.36
CA MET A 210 6.22 11.40 -15.60
C MET A 210 6.40 10.28 -14.63
N ASP A 211 6.59 9.07 -15.17
CA ASP A 211 6.94 7.92 -14.40
C ASP A 211 8.40 7.58 -14.62
N ILE A 212 9.21 7.71 -13.56
CA ILE A 212 10.62 7.47 -13.67
C ILE A 212 10.96 6.37 -12.65
N ALA A 213 11.21 5.17 -13.15
CA ALA A 213 11.42 4.06 -12.30
C ALA A 213 12.85 3.62 -12.27
N TYR A 214 13.71 4.29 -13.05
CA TYR A 214 15.08 3.82 -13.28
C TYR A 214 16.06 4.99 -13.26
N GLN A 215 15.75 6.00 -12.47
CA GLN A 215 16.66 7.14 -12.38
C GLN A 215 18.03 6.63 -12.04
N GLY A 216 19.01 7.06 -12.83
CA GLY A 216 20.41 6.62 -12.69
C GLY A 216 20.84 5.55 -13.65
N PHE A 217 19.89 4.82 -14.24
CA PHE A 217 20.21 3.76 -15.22
C PHE A 217 20.42 4.24 -16.66
N GLY A 218 20.18 5.51 -16.96
CA GLY A 218 20.29 6.00 -18.37
C GLY A 218 21.57 6.73 -18.56
N GLU A 219 21.58 8.02 -18.26
CA GLU A 219 22.83 8.78 -18.35
C GLU A 219 23.44 9.03 -16.96
N ASP A 220 22.70 9.69 -16.10
CA ASP A 220 23.10 9.90 -14.72
C ASP A 220 21.84 10.45 -14.04
N MET A 221 21.91 10.66 -12.73
CA MET A 221 20.77 11.04 -11.96
C MET A 221 20.15 12.36 -12.44
N ASP A 222 20.99 13.33 -12.76
CA ASP A 222 20.55 14.62 -13.26
C ASP A 222 19.97 14.51 -14.66
N SER A 223 20.72 13.91 -15.59
CA SER A 223 20.28 13.76 -16.99
C SER A 223 18.96 13.03 -17.13
N ASP A 224 18.83 11.96 -16.39
CA ASP A 224 17.65 11.12 -16.44
C ASP A 224 16.42 11.91 -16.07
N ALA A 225 16.61 12.96 -15.27
CA ALA A 225 15.55 13.82 -14.80
C ALA A 225 15.38 15.11 -15.61
N TYR A 226 16.03 15.20 -16.78
CA TYR A 226 15.91 16.40 -17.57
C TYR A 226 14.48 16.72 -17.88
N ALA A 227 13.71 15.71 -18.38
CA ALA A 227 12.33 15.97 -18.75
C ALA A 227 11.49 16.60 -17.60
N ILE A 228 11.73 16.08 -16.40
CA ILE A 228 11.07 16.59 -15.19
C ILE A 228 11.42 18.05 -14.94
N ARG A 229 12.73 18.34 -14.91
CA ARG A 229 13.22 19.62 -14.56
C ARG A 229 12.91 20.68 -15.62
N LYS A 230 12.91 20.28 -16.90
CA LYS A 230 12.55 21.17 -17.95
C LYS A 230 11.02 21.47 -17.85
N ALA A 231 10.20 20.49 -17.55
CA ALA A 231 8.77 20.74 -17.33
C ALA A 231 8.55 21.74 -16.20
N VAL A 232 9.33 21.61 -15.14
CA VAL A 232 9.32 22.58 -14.02
C VAL A 232 9.74 23.96 -14.46
N ASP A 233 10.86 24.07 -15.14
CA ASP A 233 11.32 25.37 -15.64
C ASP A 233 10.30 26.04 -16.54
N MET A 234 9.52 25.26 -17.30
CA MET A 234 8.46 25.77 -18.16
C MET A 234 7.15 26.12 -17.44
N GLY A 235 7.06 25.77 -16.15
CA GLY A 235 5.92 26.07 -15.35
C GLY A 235 4.72 25.19 -15.59
N LEU A 236 4.94 23.99 -16.12
CA LEU A 236 3.88 23.04 -16.31
C LEU A 236 3.45 22.36 -14.99
N PRO A 237 2.17 21.94 -14.91
CA PRO A 237 1.68 21.22 -13.76
C PRO A 237 2.01 19.74 -13.87
N LEU A 238 3.11 19.37 -13.27
CA LEU A 238 3.68 18.06 -13.49
C LEU A 238 3.40 17.09 -12.32
N PHE A 239 3.08 15.86 -12.67
CA PHE A 239 2.92 14.73 -11.75
C PHE A 239 4.15 13.86 -12.00
N VAL A 240 4.84 13.48 -10.95
CA VAL A 240 5.98 12.60 -11.08
C VAL A 240 5.79 11.45 -10.14
N SER A 241 5.69 10.23 -10.69
CA SER A 241 5.84 9.03 -9.91
C SER A 241 7.29 8.55 -10.01
N ASN A 242 7.91 8.33 -8.87
CA ASN A 242 9.24 7.71 -8.86
C ASN A 242 9.32 6.43 -8.03
N SER A 243 10.15 5.49 -8.48
CA SER A 243 10.34 4.21 -7.77
C SER A 243 11.79 3.96 -7.43
N PHE A 244 12.02 3.42 -6.23
CA PHE A 244 13.32 3.00 -5.75
C PHE A 244 13.48 1.47 -5.85
N SER A 245 12.52 0.82 -6.48
CA SER A 245 12.56 -0.57 -6.57
C SER A 245 13.81 -1.04 -7.19
N LYS A 246 14.18 -0.43 -8.31
CA LYS A 246 15.33 -0.88 -9.08
C LYS A 246 16.65 -0.30 -8.53
N ASN A 247 16.70 1.02 -8.48
CA ASN A 247 17.93 1.70 -8.09
C ASN A 247 18.29 1.56 -6.65
N LEU A 248 17.37 1.10 -5.80
CA LEU A 248 17.70 0.73 -4.42
C LEU A 248 17.73 -0.73 -4.18
N SER A 249 17.29 -1.49 -5.19
CA SER A 249 17.19 -2.96 -5.16
C SER A 249 16.33 -3.37 -3.99
N LEU A 250 15.21 -2.65 -3.86
CA LEU A 250 14.33 -2.79 -2.75
C LEU A 250 12.87 -3.00 -3.16
N TYR A 251 12.68 -3.83 -4.18
CA TYR A 251 11.39 -4.17 -4.79
C TYR A 251 10.35 -4.54 -3.76
N GLY A 252 10.68 -5.48 -2.89
CA GLY A 252 9.75 -5.94 -1.87
C GLY A 252 9.30 -4.99 -0.75
N GLU A 253 10.08 -3.96 -0.42
CA GLU A 253 9.66 -3.01 0.62
C GLU A 253 8.66 -1.99 0.16
N ARG A 254 8.50 -1.81 -1.15
CA ARG A 254 7.49 -0.92 -1.74
C ARG A 254 7.76 0.52 -1.36
N VAL A 255 8.78 1.08 -2.03
CA VAL A 255 9.22 2.44 -1.77
C VAL A 255 9.18 3.25 -3.04
N GLY A 256 8.50 4.39 -2.97
CA GLY A 256 8.51 5.29 -4.11
C GLY A 256 7.94 6.56 -3.66
N GLY A 257 7.73 7.43 -4.61
CA GLY A 257 7.26 8.76 -4.26
C GLY A 257 6.30 9.27 -5.35
N LEU A 258 5.42 10.19 -4.98
CA LEU A 258 4.54 10.93 -5.92
C LEU A 258 4.73 12.37 -5.61
N SER A 259 5.00 13.16 -6.64
CA SER A 259 5.17 14.56 -6.54
C SER A 259 4.29 15.28 -7.57
N VAL A 260 3.63 16.35 -7.10
CA VAL A 260 2.80 17.18 -7.91
C VAL A 260 3.35 18.59 -7.89
N VAL A 261 3.72 19.11 -9.05
CA VAL A 261 4.27 20.47 -9.15
C VAL A 261 3.14 21.47 -9.39
N CYS A 262 3.12 22.55 -8.63
CA CYS A 262 1.96 23.45 -8.54
C CYS A 262 2.37 24.88 -8.79
N PRO A 263 1.44 25.72 -9.33
CA PRO A 263 1.80 27.08 -9.65
C PRO A 263 1.97 27.97 -8.43
N THR A 264 1.32 27.67 -7.29
CA THR A 264 1.44 28.50 -6.10
C THR A 264 1.44 27.67 -4.84
N VAL A 265 2.00 28.23 -3.78
CA VAL A 265 2.13 27.54 -2.50
C VAL A 265 0.81 27.10 -1.95
N ASP A 266 -0.22 27.90 -2.20
CA ASP A 266 -1.54 27.65 -1.72
C ASP A 266 -2.15 26.43 -2.40
N GLU A 267 -2.00 26.36 -3.72
CA GLU A 267 -2.37 25.18 -4.52
C GLU A 267 -1.59 23.95 -4.06
N THR A 268 -0.33 24.17 -3.66
CA THR A 268 0.53 23.08 -3.15
C THR A 268 -0.12 22.46 -1.92
N GLU A 269 -0.60 23.31 -1.03
CA GLU A 269 -1.27 22.85 0.16
C GLU A 269 -2.61 22.18 -0.15
N ARG A 270 -3.39 22.68 -1.10
CA ARG A 270 -4.68 22.00 -1.47
C ARG A 270 -4.41 20.58 -1.98
N VAL A 271 -3.44 20.47 -2.85
CA VAL A 271 -3.06 19.22 -3.46
C VAL A 271 -2.42 18.28 -2.49
N PHE A 272 -1.55 18.78 -1.67
CA PHE A 272 -0.99 17.95 -0.63
C PHE A 272 -1.99 17.37 0.29
N GLY A 273 -2.99 18.16 0.64
CA GLY A 273 -4.02 17.70 1.54
C GLY A 273 -4.85 16.65 0.90
N GLN A 274 -5.08 16.80 -0.39
CA GLN A 274 -5.93 15.84 -1.08
C GLN A 274 -5.18 14.53 -1.41
N LEU A 275 -3.85 14.62 -1.58
CA LEU A 275 -3.06 13.42 -1.69
C LEU A 275 -3.15 12.59 -0.40
N ASN A 276 -3.06 13.26 0.74
CA ASN A 276 -3.20 12.64 2.04
C ASN A 276 -4.54 11.95 2.17
N SER A 277 -5.60 12.64 1.76
CA SER A 277 -6.94 12.13 1.82
C SER A 277 -7.10 10.93 0.97
N THR A 278 -6.49 10.96 -0.20
CA THR A 278 -6.48 9.78 -1.10
C THR A 278 -5.74 8.60 -0.49
N VAL A 279 -4.62 8.89 0.17
CA VAL A 279 -3.90 7.83 0.87
C VAL A 279 -4.73 7.19 1.99
N ARG A 280 -5.40 8.04 2.73
CA ARG A 280 -6.24 7.64 3.85
C ARG A 280 -7.30 6.69 3.35
N ARG A 281 -7.79 6.92 2.13
CA ARG A 281 -8.81 6.06 1.54
C ARG A 281 -8.35 4.74 1.03
N ILE A 282 -7.06 4.60 0.76
CA ILE A 282 -6.59 3.37 0.11
C ILE A 282 -5.94 2.45 1.13
N TYR A 283 -4.87 2.92 1.77
CA TYR A 283 -4.11 2.06 2.68
C TYR A 283 -3.64 2.78 3.95
N SER A 284 -4.08 4.03 4.13
CA SER A 284 -3.96 4.78 5.38
C SER A 284 -2.58 5.39 5.59
N SER A 285 -1.52 4.58 5.59
CA SER A 285 -0.16 5.12 5.57
C SER A 285 0.87 4.09 5.00
N PRO A 286 2.04 4.57 4.54
CA PRO A 286 3.02 3.73 3.92
C PRO A 286 3.92 2.95 4.92
N PRO A 287 4.64 1.94 4.45
CA PRO A 287 5.40 1.02 5.39
C PRO A 287 6.66 1.66 5.94
N SER A 288 6.88 1.48 7.23
CA SER A 288 7.96 2.13 8.00
C SER A 288 9.39 1.65 7.62
N HIS A 289 9.55 0.36 7.43
CA HIS A 289 10.86 -0.18 7.13
C HIS A 289 11.41 0.37 5.80
N GLY A 290 10.66 0.23 4.72
CA GLY A 290 11.05 0.81 3.44
C GLY A 290 11.28 2.27 3.50
N GLY A 291 10.39 3.02 4.19
CA GLY A 291 10.54 4.45 4.28
C GLY A 291 11.82 4.85 5.04
N ARG A 292 12.12 4.16 6.12
CA ARG A 292 13.32 4.45 6.89
C ARG A 292 14.57 4.20 6.04
N VAL A 293 14.54 3.21 5.18
CA VAL A 293 15.71 2.95 4.40
C VAL A 293 15.92 4.11 3.46
N VAL A 294 14.84 4.52 2.78
CA VAL A 294 14.89 5.65 1.92
C VAL A 294 15.31 6.85 2.73
N ASP A 295 14.79 7.01 3.90
CA ASP A 295 15.14 8.24 4.66
C ASP A 295 16.65 8.27 5.01
N ILE A 296 17.15 7.18 5.52
CA ILE A 296 18.53 7.09 5.89
C ILE A 296 19.47 7.26 4.69
N VAL A 297 19.29 6.48 3.63
CA VAL A 297 20.15 6.51 2.49
C VAL A 297 20.14 7.82 1.71
N MET A 298 18.96 8.39 1.49
CA MET A 298 18.93 9.70 0.82
C MET A 298 19.57 10.81 1.65
N ASN A 299 19.41 10.83 2.96
CA ASN A 299 19.74 12.05 3.72
C ASN A 299 21.08 12.01 4.46
N ASP A 300 21.70 10.83 4.50
CA ASP A 300 23.03 10.71 4.98
C ASP A 300 23.94 10.93 3.77
N ALA A 301 24.78 11.95 3.86
CA ALA A 301 25.63 12.30 2.71
C ALA A 301 26.59 11.17 2.28
N ALA A 302 27.18 10.46 3.22
CA ALA A 302 28.07 9.31 2.88
C ALA A 302 27.30 8.18 2.23
N LEU A 303 26.07 7.93 2.68
CA LEU A 303 25.29 6.84 2.11
C LEU A 303 24.74 7.22 0.74
N HIS A 304 24.36 8.47 0.59
CA HIS A 304 23.83 8.92 -0.68
C HIS A 304 24.90 8.80 -1.74
N GLU A 305 26.09 9.28 -1.42
CA GLU A 305 27.22 9.21 -2.34
C GLU A 305 27.58 7.76 -2.68
N GLN A 306 27.61 6.90 -1.67
CA GLN A 306 27.82 5.50 -1.93
C GLN A 306 26.76 4.96 -2.87
N TRP A 307 25.50 5.32 -2.60
CA TRP A 307 24.34 4.80 -3.31
C TRP A 307 24.42 5.21 -4.78
N VAL A 308 24.69 6.46 -5.04
CA VAL A 308 24.84 6.86 -6.46
C VAL A 308 25.91 6.01 -7.18
N GLY A 309 27.04 5.84 -6.52
CA GLY A 309 28.06 5.00 -7.06
C GLY A 309 27.56 3.62 -7.36
N GLU A 310 26.80 3.05 -6.41
CA GLU A 310 26.25 1.71 -6.64
C GLU A 310 25.32 1.64 -7.82
N VAL A 311 24.57 2.71 -8.04
CA VAL A 311 23.61 2.80 -9.17
C VAL A 311 24.41 2.90 -10.45
N TYR A 312 25.39 3.79 -10.46
CA TYR A 312 26.26 3.92 -11.62
C TYR A 312 27.02 2.67 -12.01
N ALA A 313 27.41 1.85 -11.04
CA ALA A 313 28.00 0.56 -11.38
C ALA A 313 26.91 -0.29 -12.05
N MET A 314 25.69 -0.26 -11.55
CA MET A 314 24.62 -1.08 -12.18
C MET A 314 24.32 -0.60 -13.59
N ARG A 315 24.23 0.71 -13.78
CA ARG A 315 24.13 1.28 -15.10
C ARG A 315 25.32 0.90 -15.98
N ASP A 316 26.54 1.10 -15.46
CA ASP A 316 27.76 0.77 -16.27
C ASP A 316 27.75 -0.69 -16.68
N ARG A 317 27.31 -1.58 -15.79
CA ARG A 317 27.26 -3.02 -16.15
C ARG A 317 26.24 -3.32 -17.21
N ILE A 318 25.11 -2.63 -17.17
CA ILE A 318 24.14 -2.81 -18.20
C ILE A 318 24.67 -2.23 -19.52
N LYS A 319 25.32 -1.08 -19.47
CA LYS A 319 25.96 -0.52 -20.68
C LYS A 319 27.04 -1.44 -21.26
N SER A 320 27.84 -2.11 -20.41
CA SER A 320 28.85 -3.09 -20.91
C SER A 320 28.19 -4.24 -21.61
N MET A 321 27.06 -4.70 -21.07
CA MET A 321 26.38 -5.80 -21.68
C MET A 321 25.87 -5.39 -23.04
N ARG A 322 25.47 -4.13 -23.19
CA ARG A 322 24.88 -3.65 -24.46
C ARG A 322 25.97 -3.65 -25.51
N THR A 323 27.07 -2.99 -25.17
CA THR A 323 28.31 -2.96 -25.96
C THR A 323 28.83 -4.34 -26.35
N LYS A 324 28.91 -5.26 -25.39
CA LYS A 324 29.40 -6.61 -25.68
C LYS A 324 28.45 -7.29 -26.63
N LEU A 325 27.17 -7.17 -26.40
CA LEU A 325 26.21 -7.84 -27.26
C LEU A 325 26.28 -7.24 -28.69
N LYS A 326 26.49 -5.95 -28.81
CA LYS A 326 26.58 -5.34 -30.10
C LYS A 326 27.85 -5.76 -30.80
N SER A 327 29.00 -5.65 -30.09
CA SER A 327 30.31 -6.10 -30.61
C SER A 327 30.28 -7.53 -31.21
N VAL A 328 29.68 -8.47 -30.52
CA VAL A 328 29.53 -9.81 -31.08
C VAL A 328 28.67 -9.72 -32.36
N LEU A 329 27.54 -9.01 -32.30
CA LEU A 329 26.60 -8.97 -33.43
C LEU A 329 27.11 -8.30 -34.68
N GLU A 330 27.77 -7.17 -34.52
CA GLU A 330 28.40 -6.43 -35.59
C GLU A 330 29.67 -7.07 -36.12
N ALA A 331 30.43 -7.71 -35.23
CA ALA A 331 31.57 -8.54 -35.63
C ALA A 331 31.11 -9.72 -36.48
N LYS A 332 29.94 -10.29 -36.15
CA LYS A 332 29.49 -11.52 -36.79
C LYS A 332 28.48 -11.31 -37.91
N ILE A 333 27.80 -10.18 -37.94
CA ILE A 333 26.79 -9.94 -39.00
C ILE A 333 27.08 -8.62 -39.71
N SER A 334 27.67 -8.76 -40.91
CA SER A 334 27.96 -7.59 -41.78
C SER A 334 26.70 -6.91 -42.40
N GLY A 335 26.76 -5.59 -42.50
CA GLY A 335 25.75 -4.79 -43.17
C GLY A 335 24.43 -4.58 -42.45
N ARG A 336 24.33 -5.07 -41.21
CA ARG A 336 23.26 -4.69 -40.27
C ARG A 336 23.84 -3.75 -39.23
N ASN A 337 23.13 -2.65 -38.96
CA ASN A 337 23.49 -1.66 -37.94
C ASN A 337 22.90 -2.16 -36.62
N PHE A 338 23.75 -2.31 -35.60
CA PHE A 338 23.30 -2.65 -34.24
C PHE A 338 23.52 -1.51 -33.25
N ASP A 339 23.72 -0.30 -33.76
CA ASP A 339 23.90 0.86 -32.88
C ASP A 339 22.66 1.12 -32.04
N TYR A 340 21.47 0.73 -32.52
CA TYR A 340 20.27 0.92 -31.71
C TYR A 340 20.42 0.28 -30.33
N LEU A 341 21.25 -0.77 -30.20
CA LEU A 341 21.44 -1.47 -28.91
C LEU A 341 22.12 -0.62 -27.87
N THR A 342 23.09 0.18 -28.27
CA THR A 342 23.79 1.10 -27.38
C THR A 342 23.18 2.49 -27.38
N ALA A 343 22.37 2.78 -28.39
CA ALA A 343 21.53 3.97 -28.42
C ALA A 343 20.38 3.91 -27.39
N GLN A 344 19.78 2.72 -27.20
CA GLN A 344 18.76 2.43 -26.17
C GLN A 344 19.31 2.60 -24.76
N ASN A 345 18.44 2.96 -23.83
CA ASN A 345 18.83 3.23 -22.43
C ASN A 345 18.07 2.37 -21.42
N GLY A 346 18.65 2.22 -20.23
CA GLY A 346 18.02 1.55 -19.13
C GLY A 346 18.18 0.05 -19.21
N MET A 347 17.32 -0.64 -18.46
CA MET A 347 17.28 -2.09 -18.39
C MET A 347 16.62 -2.80 -19.57
N PHE A 348 15.90 -2.07 -20.39
CA PHE A 348 15.17 -2.76 -21.42
C PHE A 348 15.67 -2.47 -22.80
N SER A 349 15.45 -3.46 -23.66
CA SER A 349 15.85 -3.38 -25.04
C SER A 349 14.80 -4.03 -25.93
N PHE A 350 14.28 -3.26 -26.88
CA PHE A 350 13.56 -3.85 -28.02
C PHE A 350 14.62 -4.38 -29.02
N THR A 351 14.76 -5.69 -29.09
CA THR A 351 15.85 -6.28 -29.83
C THR A 351 15.68 -6.16 -31.34
N GLY A 352 14.44 -5.93 -31.77
CA GLY A 352 14.10 -5.92 -33.18
C GLY A 352 13.83 -7.32 -33.70
N LEU A 353 13.99 -8.34 -32.87
CA LEU A 353 13.71 -9.69 -33.26
C LEU A 353 12.22 -9.84 -33.45
N THR A 354 11.82 -10.64 -34.42
CA THR A 354 10.41 -10.86 -34.72
C THR A 354 9.89 -11.88 -33.72
N PRO A 355 8.56 -12.00 -33.59
CA PRO A 355 8.04 -12.96 -32.59
C PRO A 355 8.55 -14.38 -32.82
N GLU A 356 8.65 -14.75 -34.09
CA GLU A 356 9.08 -16.07 -34.52
C GLU A 356 10.52 -16.35 -34.07
N GLN A 357 11.39 -15.35 -34.22
CA GLN A 357 12.77 -15.39 -33.71
C GLN A 357 12.90 -15.46 -32.16
N VAL A 358 12.08 -14.68 -31.43
CA VAL A 358 11.96 -14.77 -29.94
C VAL A 358 11.62 -16.19 -29.49
N GLU A 359 10.59 -16.73 -30.10
CA GLU A 359 10.15 -18.11 -29.86
C GLU A 359 11.25 -19.18 -30.19
N ARG A 360 11.99 -18.99 -31.28
CA ARG A 360 13.03 -19.94 -31.64
C ARG A 360 14.14 -19.84 -30.60
N LEU A 361 14.44 -18.63 -30.13
CA LEU A 361 15.34 -18.45 -28.98
C LEU A 361 14.93 -19.26 -27.73
N GLN A 362 13.63 -19.35 -27.46
CA GLN A 362 13.13 -20.19 -26.39
C GLN A 362 13.35 -21.66 -26.63
N SER A 363 12.86 -22.17 -27.75
CA SER A 363 12.92 -23.61 -28.04
C SER A 363 14.37 -24.15 -28.19
N GLU A 364 15.13 -23.48 -29.02
CA GLU A 364 16.41 -23.95 -29.44
C GLU A 364 17.48 -23.72 -28.36
N PHE A 365 17.37 -22.62 -27.62
CA PHE A 365 18.39 -22.26 -26.63
C PHE A 365 17.90 -22.12 -25.18
N GLY A 366 16.60 -22.24 -24.94
CA GLY A 366 16.07 -21.91 -23.59
C GLY A 366 16.28 -20.45 -23.15
N ILE A 367 16.40 -19.54 -24.11
CA ILE A 367 16.55 -18.11 -23.87
C ILE A 367 15.18 -17.39 -24.00
N TYR A 368 14.75 -16.76 -22.89
CA TYR A 368 13.39 -16.23 -22.73
C TYR A 368 13.37 -14.70 -22.85
N MET A 369 12.59 -14.20 -23.81
CA MET A 369 12.34 -12.77 -23.99
C MET A 369 10.81 -12.58 -24.10
N ILE A 370 10.36 -11.33 -24.22
CA ILE A 370 8.92 -11.07 -24.43
C ILE A 370 8.78 -11.12 -25.95
N SER A 371 7.59 -11.54 -26.41
CA SER A 371 7.25 -11.71 -27.85
C SER A 371 7.38 -10.44 -28.68
N ASN A 372 7.14 -9.32 -28.02
CA ASN A 372 7.43 -8.01 -28.64
C ASN A 372 8.93 -7.74 -28.79
N SER A 373 9.75 -8.76 -28.47
CA SER A 373 11.20 -8.67 -28.56
C SER A 373 11.87 -8.03 -27.36
N ARG A 374 11.13 -7.71 -26.28
CA ARG A 374 11.73 -6.98 -25.14
C ARG A 374 12.71 -7.92 -24.42
N MET A 375 13.90 -7.41 -24.15
CA MET A 375 14.91 -8.16 -23.44
C MET A 375 15.28 -7.30 -22.23
N CYS A 376 15.47 -7.94 -21.07
CA CYS A 376 16.08 -7.28 -19.96
C CYS A 376 17.61 -7.50 -20.01
N VAL A 377 18.32 -6.41 -20.20
CA VAL A 377 19.74 -6.43 -20.36
C VAL A 377 20.41 -6.93 -19.08
N ALA A 378 19.82 -6.64 -17.92
CA ALA A 378 20.42 -7.09 -16.66
C ALA A 378 20.42 -8.62 -16.48
N GLY A 379 19.54 -9.30 -17.20
CA GLY A 379 19.58 -10.72 -17.29
C GLY A 379 20.91 -11.25 -17.85
N LEU A 380 21.55 -10.45 -18.69
CA LEU A 380 22.79 -10.82 -19.29
C LEU A 380 23.97 -10.58 -18.33
N ASN A 381 24.95 -11.52 -18.36
CA ASN A 381 26.17 -11.36 -17.57
C ASN A 381 27.31 -12.07 -18.26
N SER A 382 28.52 -11.91 -17.71
CA SER A 382 29.74 -12.51 -18.31
C SER A 382 29.60 -14.01 -18.56
N SER A 383 28.87 -14.69 -17.68
CA SER A 383 28.68 -16.12 -17.81
C SER A 383 27.69 -16.56 -18.85
N ASN A 384 26.75 -15.72 -19.25
CA ASN A 384 25.78 -16.13 -20.28
C ASN A 384 25.90 -15.34 -21.58
N ILE A 385 26.74 -14.31 -21.61
CA ILE A 385 26.69 -13.30 -22.68
C ILE A 385 26.96 -13.85 -24.07
N ASP A 386 28.02 -14.65 -24.16
CA ASP A 386 28.52 -15.18 -25.43
C ASP A 386 27.53 -16.23 -25.93
N TYR A 387 26.99 -17.04 -25.04
CA TYR A 387 25.95 -17.97 -25.41
C TYR A 387 24.73 -17.26 -26.00
N VAL A 388 24.27 -16.18 -25.35
CA VAL A 388 23.08 -15.48 -25.80
C VAL A 388 23.34 -14.70 -27.11
N ALA A 389 24.45 -13.94 -27.13
CA ALA A 389 24.80 -13.16 -28.32
C ALA A 389 24.95 -14.07 -29.54
N ASN A 390 25.60 -15.23 -29.35
CA ASN A 390 25.82 -16.16 -30.43
C ASN A 390 24.53 -16.86 -30.84
N ALA A 391 23.68 -17.22 -29.89
CA ALA A 391 22.34 -17.76 -30.26
C ALA A 391 21.58 -16.75 -31.12
N MET A 392 21.71 -15.46 -30.78
CA MET A 392 20.98 -14.43 -31.47
C MET A 392 21.46 -14.26 -32.93
N VAL A 393 22.79 -14.32 -33.12
CA VAL A 393 23.42 -14.32 -34.44
C VAL A 393 22.81 -15.46 -35.31
N ASP A 394 22.66 -16.62 -34.69
CA ASP A 394 22.14 -17.80 -35.37
C ASP A 394 20.71 -17.58 -35.80
N VAL A 395 19.89 -17.11 -34.89
CA VAL A 395 18.50 -16.86 -35.22
C VAL A 395 18.36 -15.81 -36.34
N LEU A 396 19.19 -14.78 -36.31
CA LEU A 396 19.17 -13.71 -37.34
C LEU A 396 19.75 -14.14 -38.70
N LYS A 397 20.70 -15.09 -38.68
CA LYS A 397 21.30 -15.63 -39.90
C LYS A 397 20.36 -16.51 -40.70
N ASP A 398 19.43 -17.20 -40.03
CA ASP A 398 18.55 -18.15 -40.71
C ASP A 398 17.68 -17.47 -41.75
N MET B 1 -4.71 26.48 -11.69
CA MET B 1 -4.67 25.06 -12.19
C MET B 1 -5.37 24.09 -11.23
N PHE B 2 -5.11 24.26 -9.94
CA PHE B 2 -5.70 23.45 -8.90
C PHE B 2 -6.59 24.27 -7.95
N GLU B 3 -7.11 25.41 -8.40
CA GLU B 3 -8.11 26.14 -7.62
C GLU B 3 -9.41 25.33 -7.44
N ARG B 4 -9.69 24.39 -8.35
CA ARG B 4 -10.86 23.47 -8.18
C ARG B 4 -10.69 22.55 -6.98
N ILE B 5 -9.43 22.35 -6.56
CA ILE B 5 -9.10 21.49 -5.43
C ILE B 5 -9.51 22.12 -4.11
N ASP B 6 -10.36 21.38 -3.42
CA ASP B 6 -10.82 21.69 -2.12
C ASP B 6 -9.67 21.39 -1.13
N TYR B 7 -9.61 22.12 -0.02
CA TYR B 7 -8.61 21.84 1.05
C TYR B 7 -9.13 20.58 1.71
N TYR B 8 -8.23 19.71 2.12
CA TYR B 8 -8.61 18.56 2.93
C TYR B 8 -8.52 18.94 4.39
N ALA B 9 -9.62 18.76 5.10
CA ALA B 9 -9.75 19.10 6.50
C ALA B 9 -8.70 18.45 7.42
N GLY B 10 -8.23 17.25 7.06
CA GLY B 10 -7.22 16.52 7.84
C GLY B 10 -7.90 15.45 8.66
N ASP B 11 -7.19 14.37 8.98
CA ASP B 11 -7.78 13.30 9.79
C ASP B 11 -8.15 13.89 11.15
N PRO B 12 -9.43 13.74 11.60
CA PRO B 12 -9.89 14.35 12.87
C PRO B 12 -9.12 13.85 14.10
N ILE B 13 -8.87 12.55 14.12
CA ILE B 13 -8.07 11.93 15.17
C ILE B 13 -6.69 12.56 15.15
N LEU B 14 -6.08 12.67 13.98
CA LEU B 14 -4.77 13.34 13.86
C LEU B 14 -4.85 14.85 14.17
N GLY B 15 -5.96 15.49 13.81
CA GLY B 15 -6.20 16.93 14.11
C GLY B 15 -6.24 17.27 15.58
N LEU B 16 -6.89 16.43 16.38
CA LEU B 16 -6.89 16.56 17.84
C LEU B 16 -5.46 16.40 18.40
N VAL B 17 -4.76 15.40 17.88
CA VAL B 17 -3.39 15.09 18.30
C VAL B 17 -2.47 16.32 18.23
N GLU B 18 -2.61 17.12 17.16
CA GLU B 18 -1.77 18.31 17.01
C GLU B 18 -2.07 19.31 18.13
N LYS B 19 -3.36 19.53 18.40
CA LYS B 19 -3.78 20.45 19.48
C LYS B 19 -3.22 20.01 20.84
N PHE B 20 -3.23 18.71 21.09
CA PHE B 20 -2.61 18.15 22.26
C PHE B 20 -1.11 18.46 22.32
N ALA B 21 -0.41 18.25 21.21
CA ALA B 21 1.05 18.48 21.17
C ALA B 21 1.36 19.94 21.51
N ALA B 22 0.61 20.82 20.85
CA ALA B 22 0.66 22.26 21.09
C ALA B 22 0.35 22.63 22.52
N ASP B 23 -0.62 21.95 23.13
CA ASP B 23 -1.04 22.21 24.53
C ASP B 23 0.16 22.25 25.47
N ASN B 24 0.26 23.28 26.29
CA ASN B 24 1.41 23.43 27.21
C ASN B 24 1.09 23.08 28.66
N ASN B 25 -0.04 22.43 28.89
CA ASN B 25 -0.38 21.93 30.21
C ASN B 25 0.65 20.88 30.52
N PRO B 26 1.39 21.04 31.62
CA PRO B 26 2.36 20.04 32.07
C PRO B 26 1.75 18.64 32.29
N ASP B 27 0.50 18.61 32.74
CA ASP B 27 -0.17 17.36 33.10
C ASP B 27 -1.04 16.80 31.99
N LYS B 28 -0.86 17.26 30.75
CA LYS B 28 -1.72 16.81 29.63
C LYS B 28 -1.60 15.31 29.39
N VAL B 29 -2.68 14.69 29.00
CA VAL B 29 -2.67 13.26 28.65
C VAL B 29 -3.44 13.13 27.34
N ASN B 30 -2.93 12.30 26.45
CA ASN B 30 -3.66 12.03 25.19
C ASN B 30 -4.37 10.69 25.22
N LEU B 31 -5.71 10.73 25.18
CA LEU B 31 -6.55 9.54 25.12
C LEU B 31 -7.36 9.50 23.83
N GLY B 32 -6.94 10.36 22.87
CA GLY B 32 -7.54 10.52 21.58
C GLY B 32 -7.23 9.50 20.51
N ILE B 33 -6.07 8.89 20.59
CA ILE B 33 -5.58 8.04 19.51
C ILE B 33 -5.71 6.57 19.92
N GLY B 34 -6.22 5.77 19.02
CA GLY B 34 -6.36 4.33 19.20
C GLY B 34 -5.05 3.61 19.08
N ILE B 35 -4.08 3.95 19.92
CA ILE B 35 -2.75 3.29 19.91
C ILE B 35 -2.60 2.58 21.27
N TYR B 36 -1.99 1.41 21.31
CA TYR B 36 -1.70 0.79 22.59
C TYR B 36 -0.35 1.18 23.19
N TYR B 37 -0.39 1.61 24.47
CA TYR B 37 0.75 1.95 25.24
C TYR B 37 0.81 1.06 26.47
N ASP B 38 2.02 0.77 26.92
CA ASP B 38 2.28 -0.07 28.06
C ASP B 38 2.16 0.72 29.35
N GLU B 39 2.58 0.12 30.47
CA GLU B 39 2.57 0.74 31.80
C GLU B 39 3.27 2.04 31.83
N SER B 40 4.37 2.22 31.07
CA SER B 40 5.11 3.51 31.04
C SER B 40 4.61 4.59 30.06
N GLY B 41 3.56 4.31 29.29
CA GLY B 41 3.03 5.32 28.38
C GLY B 41 3.75 5.37 27.06
N VAL B 42 4.42 4.28 26.69
CA VAL B 42 5.17 4.15 25.46
C VAL B 42 4.65 2.98 24.63
N MET B 43 4.73 3.12 23.31
CA MET B 43 4.44 2.02 22.43
C MET B 43 5.41 0.88 22.64
N PRO B 44 4.93 -0.31 23.00
CA PRO B 44 5.83 -1.43 23.09
C PRO B 44 6.35 -2.02 21.78
N VAL B 45 7.58 -2.55 21.85
CA VAL B 45 8.16 -3.46 20.92
C VAL B 45 8.01 -4.83 21.58
N LEU B 46 7.26 -5.72 20.96
CA LEU B 46 7.00 -7.00 21.48
C LEU B 46 8.26 -7.86 21.33
N ASP B 47 8.46 -8.74 22.33
CA ASP B 47 9.60 -9.63 22.35
C ASP B 47 9.61 -10.57 21.14
N CYS B 48 8.45 -11.08 20.74
CA CYS B 48 8.44 -12.00 19.67
C CYS B 48 8.85 -11.30 18.40
N VAL B 49 8.34 -10.10 18.19
CA VAL B 49 8.67 -9.27 17.03
C VAL B 49 10.17 -8.96 17.01
N LYS B 50 10.70 -8.52 18.13
CA LYS B 50 12.09 -8.23 18.25
C LYS B 50 12.89 -9.46 17.74
N ILE B 51 12.47 -10.64 18.20
CA ILE B 51 13.15 -11.84 17.76
C ILE B 51 13.00 -12.05 16.25
N ALA B 52 11.82 -11.76 15.72
CA ALA B 52 11.54 -12.04 14.36
C ALA B 52 12.43 -11.12 13.54
N GLU B 53 12.60 -9.91 14.03
CA GLU B 53 13.38 -8.92 13.28
C GLU B 53 14.92 -9.19 13.34
N GLN B 54 15.41 -9.75 14.42
CA GLN B 54 16.82 -10.22 14.49
C GLN B 54 17.10 -11.32 13.49
N ARG B 55 16.10 -12.18 13.26
CA ARG B 55 16.19 -13.22 12.26
C ARG B 55 16.19 -12.66 10.85
N ILE B 56 15.36 -11.62 10.65
CA ILE B 56 15.30 -10.86 9.39
C ILE B 56 16.58 -10.13 9.09
N ALA B 57 17.22 -9.57 10.11
CA ALA B 57 18.49 -8.90 9.89
C ALA B 57 19.75 -9.81 9.84
N ASP B 58 19.57 -11.12 9.97
CA ASP B 58 20.68 -12.09 10.10
C ASP B 58 20.46 -13.24 9.17
N PRO B 59 20.89 -13.13 7.91
CA PRO B 59 21.52 -11.95 7.36
C PRO B 59 20.52 -11.10 6.61
N ILE B 60 20.97 -9.91 6.26
CA ILE B 60 20.22 -9.04 5.39
C ILE B 60 20.10 -9.64 3.99
N SER B 61 18.86 -9.93 3.57
CA SER B 61 18.67 -10.65 2.34
C SER B 61 18.26 -9.79 1.12
N PRO B 62 18.34 -10.37 -0.08
CA PRO B 62 17.83 -9.69 -1.29
C PRO B 62 16.36 -9.42 -1.12
N ARG B 63 15.83 -8.42 -1.79
CA ARG B 63 14.48 -7.98 -1.49
C ARG B 63 13.59 -8.04 -2.75
N PRO B 64 13.40 -9.26 -3.26
CA PRO B 64 12.47 -9.40 -4.36
C PRO B 64 11.00 -9.06 -4.02
N TYR B 65 10.21 -8.82 -5.06
CA TYR B 65 8.78 -8.67 -4.88
C TYR B 65 8.23 -9.88 -4.15
N LEU B 66 7.38 -9.64 -3.19
CA LEU B 66 6.53 -10.69 -2.65
C LEU B 66 5.47 -10.99 -3.69
N PRO B 67 4.80 -12.10 -3.51
CA PRO B 67 3.76 -12.37 -4.46
C PRO B 67 2.64 -11.28 -4.17
N MET B 68 1.79 -11.05 -5.13
CA MET B 68 0.64 -10.15 -4.92
C MET B 68 -0.19 -10.51 -3.70
N ALA B 69 -0.35 -11.78 -3.40
CA ALA B 69 -1.12 -12.23 -2.21
C ALA B 69 -0.28 -12.16 -0.94
N GLY B 70 0.99 -11.85 -1.10
CA GLY B 70 1.96 -11.71 -0.06
C GLY B 70 2.50 -13.05 0.23
N LEU B 71 3.17 -13.14 1.34
CA LEU B 71 3.77 -14.39 1.75
C LEU B 71 2.74 -15.43 2.19
N PRO B 72 2.92 -16.66 1.71
CA PRO B 72 2.04 -17.79 2.08
C PRO B 72 1.95 -17.96 3.60
N GLY B 73 3.09 -17.90 4.26
CA GLY B 73 3.13 -17.96 5.69
C GLY B 73 2.31 -16.90 6.38
N HIS B 74 2.33 -15.69 5.85
CA HIS B 74 1.50 -14.59 6.34
C HIS B 74 0.01 -14.94 6.12
N ARG B 75 -0.33 -15.35 4.91
CA ARG B 75 -1.70 -15.78 4.61
C ARG B 75 -2.18 -16.91 5.53
N LYS B 76 -1.36 -17.93 5.70
CA LYS B 76 -1.71 -19.03 6.66
C LYS B 76 -1.87 -18.57 8.12
N GLY B 77 -0.95 -17.77 8.63
CA GLY B 77 -1.15 -17.12 9.96
C GLY B 77 -2.47 -16.35 10.15
N CYS B 78 -2.85 -15.52 9.20
CA CYS B 78 -4.21 -14.92 9.26
C CYS B 78 -5.33 -15.98 9.39
N GLN B 79 -5.25 -16.99 8.52
CA GLN B 79 -6.28 -17.96 8.38
C GLN B 79 -6.44 -18.75 9.65
N GLU B 80 -5.33 -19.28 10.13
CA GLU B 80 -5.32 -20.08 11.36
C GLU B 80 -5.78 -19.23 12.52
N LEU B 81 -5.32 -17.99 12.57
CA LEU B 81 -5.68 -17.14 13.66
C LEU B 81 -7.20 -16.89 13.64
N LEU B 82 -7.70 -16.53 12.49
CA LEU B 82 -9.07 -16.19 12.37
C LEU B 82 -10.05 -17.37 12.50
N PHE B 83 -9.78 -18.45 11.79
CA PHE B 83 -10.70 -19.58 11.74
C PHE B 83 -10.32 -20.78 12.63
N GLY B 84 -9.17 -20.69 13.29
CA GLY B 84 -8.71 -21.76 14.17
C GLY B 84 -7.75 -22.64 13.42
N LYS B 85 -6.79 -23.18 14.18
CA LYS B 85 -5.71 -24.03 13.64
C LYS B 85 -6.25 -25.21 12.88
N ASP B 86 -5.81 -25.39 11.64
CA ASP B 86 -6.27 -26.46 10.76
C ASP B 86 -7.81 -26.62 10.85
N ALA B 87 -8.55 -25.50 10.77
CA ALA B 87 -10.02 -25.55 10.79
C ALA B 87 -10.59 -26.28 9.55
N PRO B 88 -11.79 -26.84 9.66
CA PRO B 88 -12.37 -27.55 8.51
C PRO B 88 -12.46 -26.71 7.25
N VAL B 89 -12.85 -25.44 7.40
CA VAL B 89 -12.98 -24.54 6.31
C VAL B 89 -11.64 -24.36 5.61
N LEU B 90 -10.55 -24.41 6.37
CA LEU B 90 -9.20 -24.31 5.76
C LEU B 90 -8.72 -25.59 5.09
N LYS B 91 -8.91 -26.70 5.78
CA LYS B 91 -8.62 -28.00 5.19
C LYS B 91 -9.47 -28.27 3.93
N ASP B 92 -10.67 -27.70 3.89
CA ASP B 92 -11.51 -27.82 2.70
C ASP B 92 -11.09 -26.86 1.62
N GLY B 93 -10.18 -25.93 1.94
CA GLY B 93 -9.70 -25.01 0.90
C GLY B 93 -10.76 -23.97 0.46
N LEU B 94 -11.62 -23.56 1.38
CA LEU B 94 -12.72 -22.64 1.05
C LEU B 94 -12.47 -21.17 1.41
N VAL B 95 -11.21 -20.83 1.73
CA VAL B 95 -10.82 -19.49 2.15
C VAL B 95 -9.75 -18.94 1.21
N ALA B 96 -10.11 -17.83 0.52
CA ALA B 96 -9.18 -17.11 -0.32
C ALA B 96 -8.58 -16.00 0.55
N THR B 97 -7.27 -16.01 0.74
CA THR B 97 -6.61 -15.03 1.62
C THR B 97 -5.43 -14.32 0.94
N ILE B 98 -5.37 -13.00 1.14
CA ILE B 98 -4.22 -12.21 0.76
C ILE B 98 -3.68 -11.42 1.96
N ALA B 99 -2.37 -11.17 1.97
CA ALA B 99 -1.79 -10.23 2.91
C ALA B 99 -2.26 -8.90 2.42
N THR B 100 -2.34 -7.93 3.31
CA THR B 100 -2.71 -6.57 2.92
C THR B 100 -1.87 -5.53 3.64
N ILE B 101 -1.96 -4.31 3.12
CA ILE B 101 -1.34 -3.11 3.74
C ILE B 101 -2.16 -2.73 4.94
N GLY B 102 -2.04 -3.48 6.01
CA GLY B 102 -2.85 -3.27 7.17
C GLY B 102 -4.32 -3.65 7.01
N GLY B 103 -5.09 -3.42 8.05
CA GLY B 103 -6.50 -3.68 8.00
C GLY B 103 -7.16 -2.74 7.00
N SER B 104 -6.60 -1.53 6.88
CA SER B 104 -7.08 -0.51 5.93
C SER B 104 -6.99 -0.98 4.52
N GLY B 105 -5.84 -1.52 4.18
CA GLY B 105 -5.63 -2.14 2.87
C GLY B 105 -6.60 -3.26 2.53
N ALA B 106 -6.92 -4.12 3.51
CA ALA B 106 -7.87 -5.21 3.33
C ALA B 106 -9.30 -4.71 3.11
N LEU B 107 -9.69 -3.72 3.91
CA LEU B 107 -10.91 -3.03 3.64
C LEU B 107 -10.94 -2.47 2.23
N LYS B 108 -9.85 -1.83 1.79
CA LYS B 108 -9.86 -1.27 0.43
C LYS B 108 -10.04 -2.31 -0.70
N VAL B 109 -9.28 -3.40 -0.62
CA VAL B 109 -9.36 -4.46 -1.59
C VAL B 109 -10.73 -5.11 -1.59
N GLY B 110 -11.26 -5.44 -0.42
CA GLY B 110 -12.55 -6.10 -0.38
C GLY B 110 -13.66 -5.16 -0.84
N ALA B 111 -13.58 -3.88 -0.48
CA ALA B 111 -14.54 -2.89 -0.99
C ALA B 111 -14.44 -2.75 -2.51
N GLU B 112 -13.24 -2.77 -3.06
CA GLU B 112 -13.08 -2.65 -4.56
C GLU B 112 -13.65 -3.88 -5.22
N PHE B 113 -13.46 -5.02 -4.59
CA PHE B 113 -13.91 -6.27 -5.19
C PHE B 113 -15.48 -6.27 -5.19
N ILE B 114 -16.06 -5.88 -4.07
CA ILE B 114 -17.49 -5.75 -3.94
C ILE B 114 -18.02 -4.77 -4.98
N HIS B 115 -17.38 -3.63 -5.11
CA HIS B 115 -17.83 -2.61 -6.08
C HIS B 115 -17.79 -3.10 -7.53
N GLU B 116 -16.72 -3.80 -7.90
CA GLU B 116 -16.56 -4.39 -9.23
C GLU B 116 -17.56 -5.48 -9.55
N TRP B 117 -17.77 -6.40 -8.62
CA TRP B 117 -18.57 -7.55 -8.95
C TRP B 117 -20.02 -7.52 -8.42
N PHE B 118 -20.32 -6.68 -7.41
CA PHE B 118 -21.64 -6.49 -6.87
C PHE B 118 -21.96 -5.01 -6.89
N PRO B 119 -21.99 -4.41 -8.10
CA PRO B 119 -22.11 -2.97 -8.27
C PRO B 119 -23.38 -2.39 -7.60
N GLN B 120 -24.42 -3.20 -7.46
CA GLN B 120 -25.65 -2.80 -6.78
C GLN B 120 -25.59 -2.77 -5.28
N SER B 121 -24.71 -3.53 -4.66
CA SER B 121 -24.69 -3.61 -3.19
C SER B 121 -24.31 -2.26 -2.55
N LYS B 122 -24.96 -1.99 -1.45
CA LYS B 122 -24.71 -0.84 -0.66
C LYS B 122 -24.08 -1.38 0.61
N CYS B 123 -23.41 -0.51 1.38
CA CYS B 123 -22.73 -0.90 2.59
C CYS B 123 -23.26 -0.13 3.73
N TYR B 124 -23.46 -0.84 4.82
CA TYR B 124 -23.96 -0.21 6.02
C TYR B 124 -22.97 -0.41 7.13
N VAL B 125 -22.70 0.70 7.81
CA VAL B 125 -21.76 0.71 8.93
C VAL B 125 -22.50 0.98 10.24
N SER B 126 -21.89 0.57 11.38
CA SER B 126 -22.53 0.78 12.69
C SER B 126 -22.65 2.25 13.00
N ASP B 127 -23.67 2.65 13.76
CA ASP B 127 -23.78 4.02 14.25
C ASP B 127 -23.42 4.07 15.72
N PRO B 128 -22.28 4.59 16.10
CA PRO B 128 -21.26 5.17 15.23
C PRO B 128 -20.21 4.08 14.83
N THR B 129 -19.20 4.49 14.06
CA THR B 129 -18.11 3.60 13.69
C THR B 129 -16.84 4.39 13.53
N TRP B 130 -15.75 3.68 13.28
CA TRP B 130 -14.45 4.28 12.96
C TRP B 130 -14.54 5.02 11.64
N GLY B 131 -14.13 6.28 11.66
CA GLY B 131 -14.28 7.21 10.53
C GLY B 131 -13.82 6.68 9.19
N ASN B 132 -12.63 6.04 9.18
CA ASN B 132 -12.06 5.46 7.94
C ASN B 132 -12.88 4.38 7.16
N HIS B 133 -13.76 3.67 7.81
CA HIS B 133 -14.59 2.68 7.18
C HIS B 133 -15.42 3.28 6.06
N ILE B 134 -16.07 4.39 6.37
CA ILE B 134 -16.86 5.07 5.41
C ILE B 134 -16.02 5.55 4.22
N ALA B 135 -14.91 6.23 4.51
CA ALA B 135 -14.09 6.80 3.47
C ALA B 135 -13.58 5.74 2.56
N ILE B 136 -13.21 4.60 3.10
CA ILE B 136 -12.69 3.55 2.27
C ILE B 136 -13.75 3.05 1.25
N PHE B 137 -14.92 2.71 1.75
CA PHE B 137 -16.04 2.28 0.93
C PHE B 137 -16.56 3.33 -0.06
N GLU B 138 -16.75 4.56 0.40
CA GLU B 138 -17.17 5.65 -0.49
C GLU B 138 -16.12 5.98 -1.55
N GLY B 139 -14.86 5.82 -1.17
CA GLY B 139 -13.76 5.94 -2.12
C GLY B 139 -13.70 4.92 -3.22
N CYS B 140 -14.53 3.90 -3.11
CA CYS B 140 -14.73 2.90 -4.10
C CYS B 140 -15.98 3.13 -4.88
N ASP B 141 -16.63 4.28 -4.65
CA ASP B 141 -17.93 4.59 -5.27
C ASP B 141 -19.01 3.64 -4.83
N ILE B 142 -18.94 3.12 -3.59
CA ILE B 142 -20.02 2.32 -3.01
C ILE B 142 -20.77 3.28 -2.11
N GLU B 143 -22.10 3.23 -2.16
CA GLU B 143 -22.93 4.07 -1.31
C GLU B 143 -22.92 3.49 0.09
N VAL B 144 -22.68 4.35 1.07
CA VAL B 144 -22.61 3.90 2.47
C VAL B 144 -23.65 4.61 3.34
N GLY B 145 -24.33 3.81 4.15
CA GLY B 145 -25.26 4.32 5.16
C GLY B 145 -25.02 3.64 6.46
N LYS B 146 -25.90 3.84 7.42
CA LYS B 146 -25.64 3.42 8.78
C LYS B 146 -26.75 2.59 9.31
N TYR B 147 -26.39 1.53 10.06
CA TYR B 147 -27.36 0.76 10.80
C TYR B 147 -27.38 1.21 12.28
N PRO B 148 -28.53 1.13 12.92
CA PRO B 148 -28.58 1.41 14.36
C PRO B 148 -27.68 0.46 15.13
N TYR B 149 -26.92 1.00 16.06
CA TYR B 149 -26.11 0.18 16.92
C TYR B 149 -26.07 0.74 18.35
N TYR B 150 -25.36 1.81 18.58
CA TYR B 150 -25.18 2.35 19.94
C TYR B 150 -26.44 3.11 20.39
N ASP B 151 -26.89 2.77 21.61
CA ASP B 151 -28.05 3.33 22.28
C ASP B 151 -27.59 4.38 23.29
N THR B 152 -27.66 5.64 22.88
CA THR B 152 -27.31 6.75 23.75
C THR B 152 -28.04 6.70 25.09
N ALA B 153 -29.30 6.26 25.08
CA ALA B 153 -30.11 6.25 26.29
C ALA B 153 -29.55 5.32 27.35
N THR B 154 -29.34 4.06 26.98
CA THR B 154 -28.89 3.02 27.91
C THR B 154 -27.39 2.78 27.96
N GLY B 155 -26.65 3.25 26.96
CA GLY B 155 -25.25 2.88 26.81
C GLY B 155 -25.04 1.48 26.22
N GLY B 156 -26.11 0.87 25.74
CA GLY B 156 -26.09 -0.49 25.24
C GLY B 156 -26.26 -0.40 23.75
N ILE B 157 -26.96 -1.39 23.21
CA ILE B 157 -27.18 -1.53 21.79
C ILE B 157 -28.66 -1.52 21.49
N LYS B 158 -29.06 -0.83 20.43
CA LYS B 158 -30.44 -0.73 20.04
C LYS B 158 -30.71 -1.97 19.25
N PHE B 159 -30.61 -3.10 19.95
CA PHE B 159 -30.55 -4.36 19.26
C PHE B 159 -31.80 -4.60 18.43
N ASP B 160 -32.97 -4.39 19.01
CA ASP B 160 -34.27 -4.56 18.27
C ASP B 160 -34.33 -3.69 17.00
N GLU B 161 -33.92 -2.44 17.13
CA GLU B 161 -34.00 -1.50 16.00
C GLU B 161 -33.00 -1.94 14.92
N MET B 162 -31.84 -2.42 15.35
CA MET B 162 -30.82 -2.91 14.43
C MET B 162 -31.37 -4.05 13.65
N ILE B 163 -31.93 -4.99 14.32
CA ILE B 163 -32.40 -6.18 13.64
C ILE B 163 -33.47 -5.84 12.63
N ALA B 164 -34.40 -4.95 13.00
CA ALA B 164 -35.46 -4.52 12.08
C ALA B 164 -34.87 -3.81 10.88
N PHE B 165 -33.84 -3.03 11.13
CA PHE B 165 -33.16 -2.37 10.03
C PHE B 165 -32.63 -3.33 8.99
N PHE B 166 -31.98 -4.40 9.44
CA PHE B 166 -31.35 -5.38 8.57
C PHE B 166 -32.37 -6.06 7.69
N GLU B 167 -33.57 -6.23 8.20
CA GLU B 167 -34.64 -6.88 7.44
C GLU B 167 -35.17 -6.04 6.29
N THR B 168 -34.92 -4.74 6.32
CA THR B 168 -35.30 -3.85 5.22
C THR B 168 -34.32 -3.91 4.08
N LEU B 169 -33.14 -4.45 4.29
CA LEU B 169 -32.09 -4.35 3.29
C LEU B 169 -32.24 -5.35 2.15
N ASN B 170 -31.60 -5.01 1.03
CA ASN B 170 -31.66 -5.82 -0.17
C ASN B 170 -30.67 -6.98 -0.10
N LYS B 171 -30.96 -8.00 -0.90
CA LYS B 171 -30.06 -9.12 -1.06
C LYS B 171 -28.73 -8.64 -1.60
N ASP B 172 -27.67 -9.24 -1.07
CA ASP B 172 -26.28 -8.88 -1.41
C ASP B 172 -25.76 -7.52 -0.88
N ASP B 173 -26.60 -6.76 -0.14
CA ASP B 173 -26.12 -5.59 0.58
C ASP B 173 -25.07 -6.04 1.62
N VAL B 174 -24.12 -5.14 1.86
CA VAL B 174 -23.01 -5.39 2.75
C VAL B 174 -23.15 -4.73 4.13
N LEU B 175 -22.94 -5.56 5.17
CA LEU B 175 -22.86 -5.06 6.55
C LEU B 175 -21.41 -5.08 7.04
N LEU B 176 -20.92 -3.93 7.48
CA LEU B 176 -19.57 -3.87 8.09
C LEU B 176 -19.67 -4.05 9.57
N LEU B 177 -19.10 -5.13 10.06
CA LEU B 177 -19.36 -5.61 11.43
C LEU B 177 -18.05 -5.77 12.16
N HIS B 178 -18.12 -5.58 13.46
CA HIS B 178 -16.98 -5.65 14.35
C HIS B 178 -17.20 -6.90 15.18
N PRO B 179 -16.44 -7.96 14.92
CA PRO B 179 -16.55 -9.12 15.78
C PRO B 179 -16.37 -8.81 17.26
N CYS B 180 -15.51 -7.88 17.64
CA CYS B 180 -15.32 -7.49 19.06
C CYS B 180 -14.74 -6.14 19.12
N CYS B 181 -14.62 -5.60 20.32
CA CYS B 181 -13.79 -4.41 20.55
C CYS B 181 -14.20 -3.21 19.71
N HIS B 182 -15.48 -2.90 19.79
CA HIS B 182 -16.05 -1.88 18.96
C HIS B 182 -15.35 -0.57 19.10
N ASN B 183 -15.14 0.06 17.94
CA ASN B 183 -14.59 1.38 17.78
C ASN B 183 -15.71 2.23 17.15
N PRO B 184 -16.18 3.26 17.80
CA PRO B 184 -15.52 3.87 19.00
C PRO B 184 -16.10 3.55 20.36
N THR B 185 -17.15 2.73 20.43
CA THR B 185 -17.94 2.60 21.68
C THR B 185 -17.38 1.65 22.70
N GLY B 186 -16.69 0.60 22.25
CA GLY B 186 -16.31 -0.51 23.16
C GLY B 186 -17.46 -1.50 23.41
N VAL B 187 -18.66 -1.21 22.93
CA VAL B 187 -19.82 -1.99 23.26
C VAL B 187 -20.00 -3.06 22.22
N ASP B 188 -20.00 -4.31 22.67
CA ASP B 188 -20.09 -5.44 21.77
C ASP B 188 -21.38 -6.20 21.90
N LEU B 189 -21.62 -7.03 20.90
CA LEU B 189 -22.70 -7.92 20.89
C LEU B 189 -22.34 -9.07 21.80
N THR B 190 -23.36 -9.71 22.39
CA THR B 190 -23.16 -10.94 23.12
C THR B 190 -23.15 -12.05 22.09
N ARG B 191 -22.74 -13.23 22.48
CA ARG B 191 -22.75 -14.36 21.52
C ARG B 191 -24.15 -14.67 21.07
N GLU B 192 -25.12 -14.54 21.97
CA GLU B 192 -26.51 -14.79 21.54
C GLU B 192 -27.01 -13.74 20.57
N GLN B 193 -26.57 -12.50 20.71
CA GLN B 193 -27.00 -11.50 19.77
C GLN B 193 -26.34 -11.71 18.43
N TRP B 194 -25.06 -12.15 18.49
CA TRP B 194 -24.41 -12.56 17.29
C TRP B 194 -25.21 -13.62 16.54
N ASP B 195 -25.72 -14.64 17.24
CA ASP B 195 -26.44 -15.74 16.55
C ASP B 195 -27.65 -15.18 15.85
N THR B 196 -28.38 -14.27 16.52
CA THR B 196 -29.56 -13.65 15.91
C THR B 196 -29.22 -12.87 14.66
N VAL B 197 -28.24 -11.96 14.76
CA VAL B 197 -27.89 -11.15 13.60
C VAL B 197 -27.49 -12.05 12.42
N LEU B 198 -26.66 -13.06 12.67
CA LEU B 198 -26.15 -13.84 11.58
C LEU B 198 -27.30 -14.67 10.94
N ASN B 199 -28.23 -15.15 11.76
CA ASN B 199 -29.53 -15.67 11.26
C ASN B 199 -30.23 -14.75 10.29
N VAL B 200 -30.41 -13.49 10.67
CA VAL B 200 -31.06 -12.54 9.79
C VAL B 200 -30.26 -12.29 8.55
N ILE B 201 -28.93 -12.20 8.71
CA ILE B 201 -28.03 -12.04 7.57
C ILE B 201 -28.21 -13.23 6.63
N GLN B 202 -28.38 -14.41 7.19
CA GLN B 202 -28.55 -15.60 6.37
C GLN B 202 -29.91 -15.51 5.67
N GLU B 203 -30.97 -15.20 6.42
CA GLU B 203 -32.33 -15.17 5.84
C GLU B 203 -32.48 -14.03 4.80
N ARG B 204 -31.88 -12.87 5.04
CA ARG B 204 -31.93 -11.74 4.10
C ARG B 204 -30.92 -11.77 3.00
N GLU B 205 -30.05 -12.80 3.04
CA GLU B 205 -29.02 -13.04 2.08
C GLU B 205 -28.12 -11.81 1.92
N LEU B 206 -27.76 -11.25 3.06
CA LEU B 206 -26.82 -10.12 3.08
C LEU B 206 -25.39 -10.63 3.09
N ILE B 207 -24.47 -9.71 2.79
CA ILE B 207 -23.05 -10.02 2.83
C ILE B 207 -22.44 -9.41 4.12
N PRO B 208 -22.06 -10.28 5.07
CA PRO B 208 -21.27 -9.80 6.20
C PRO B 208 -19.77 -9.58 5.87
N PHE B 209 -19.23 -8.41 6.26
CA PHE B 209 -17.79 -8.07 6.09
C PHE B 209 -17.31 -7.77 7.51
N MET B 210 -16.58 -8.72 8.06
CA MET B 210 -16.13 -8.56 9.43
C MET B 210 -14.77 -7.92 9.46
N ASP B 211 -14.68 -6.76 10.12
CA ASP B 211 -13.41 -6.07 10.35
C ASP B 211 -12.99 -6.28 11.78
N ILE B 212 -11.94 -7.08 11.98
CA ILE B 212 -11.46 -7.37 13.32
C ILE B 212 -10.03 -6.76 13.39
N ALA B 213 -9.92 -5.62 14.03
CA ALA B 213 -8.63 -4.89 14.14
C ALA B 213 -7.93 -5.06 15.47
N TYR B 214 -8.58 -5.79 16.41
CA TYR B 214 -8.12 -5.92 17.80
C TYR B 214 -8.33 -7.34 18.32
N GLN B 215 -8.04 -8.33 17.50
CA GLN B 215 -8.18 -9.71 17.96
C GLN B 215 -7.22 -9.85 19.09
N GLY B 216 -7.71 -10.37 20.21
CA GLY B 216 -6.90 -10.52 21.42
C GLY B 216 -7.13 -9.47 22.46
N PHE B 217 -7.73 -8.36 22.07
CA PHE B 217 -8.02 -7.28 23.01
C PHE B 217 -9.40 -7.30 23.65
N GLY B 218 -10.24 -8.27 23.29
CA GLY B 218 -11.57 -8.42 23.92
C GLY B 218 -11.61 -9.41 25.08
N GLU B 219 -11.80 -10.66 24.75
CA GLU B 219 -11.76 -11.73 25.71
C GLU B 219 -10.47 -12.52 25.59
N ASP B 220 -10.15 -13.01 24.40
CA ASP B 220 -8.92 -13.72 24.09
C ASP B 220 -9.05 -13.92 22.59
N MET B 221 -8.03 -14.48 21.95
CA MET B 221 -7.94 -14.61 20.49
C MET B 221 -9.11 -15.39 19.92
N ASP B 222 -9.48 -16.49 20.58
CA ASP B 222 -10.50 -17.38 20.08
C ASP B 222 -11.90 -16.78 20.30
N SER B 223 -12.16 -16.29 21.48
CA SER B 223 -13.43 -15.66 21.80
C SER B 223 -13.70 -14.48 20.90
N ASP B 224 -12.66 -13.69 20.63
CA ASP B 224 -12.79 -12.51 19.81
C ASP B 224 -13.22 -12.82 18.43
N ALA B 225 -12.90 -14.02 17.98
CA ALA B 225 -13.25 -14.49 16.63
C ALA B 225 -14.52 -15.31 16.54
N TYR B 226 -15.30 -15.35 17.61
CA TYR B 226 -16.56 -16.03 17.58
C TYR B 226 -17.43 -15.66 16.39
N ALA B 227 -17.69 -14.38 16.19
CA ALA B 227 -18.62 -13.97 15.13
C ALA B 227 -18.18 -14.50 13.77
N ILE B 228 -16.87 -14.48 13.58
CA ILE B 228 -16.27 -15.02 12.35
C ILE B 228 -16.54 -16.51 12.20
N ARG B 229 -16.27 -17.26 13.25
CA ARG B 229 -16.33 -18.74 13.20
C ARG B 229 -17.79 -19.24 13.14
N LYS B 230 -18.66 -18.53 13.82
CA LYS B 230 -20.05 -18.81 13.75
C LYS B 230 -20.54 -18.54 12.34
N ALA B 231 -20.11 -17.44 11.71
CA ALA B 231 -20.55 -17.17 10.33
C ALA B 231 -20.13 -18.28 9.39
N VAL B 232 -18.86 -18.71 9.52
CA VAL B 232 -18.34 -19.91 8.81
C VAL B 232 -19.19 -21.14 9.06
N ASP B 233 -19.48 -21.42 10.32
CA ASP B 233 -20.28 -22.60 10.69
C ASP B 233 -21.64 -22.62 9.99
N MET B 234 -22.22 -21.45 9.87
CA MET B 234 -23.51 -21.27 9.25
C MET B 234 -23.45 -21.37 7.72
N GLY B 235 -22.25 -21.44 7.16
CA GLY B 235 -22.09 -21.50 5.71
C GLY B 235 -22.25 -20.17 4.99
N LEU B 236 -22.15 -19.04 5.71
CA LEU B 236 -22.29 -17.73 5.13
C LEU B 236 -21.06 -17.34 4.28
N PRO B 237 -21.27 -16.61 3.17
CA PRO B 237 -20.14 -16.00 2.51
C PRO B 237 -19.64 -14.82 3.38
N LEU B 238 -18.40 -14.89 3.82
CA LEU B 238 -17.92 -13.90 4.77
C LEU B 238 -16.66 -13.25 4.19
N PHE B 239 -16.57 -11.96 4.32
CA PHE B 239 -15.35 -11.23 4.06
C PHE B 239 -14.77 -10.86 5.46
N VAL B 240 -13.50 -11.14 5.68
CA VAL B 240 -12.86 -10.71 6.92
C VAL B 240 -11.62 -9.90 6.62
N SER B 241 -11.58 -8.70 7.14
CA SER B 241 -10.34 -7.89 7.19
C SER B 241 -9.76 -7.98 8.60
N ASN B 242 -8.48 -8.35 8.69
CA ASN B 242 -7.79 -8.40 9.97
C ASN B 242 -6.50 -7.54 10.00
N SER B 243 -6.18 -6.93 11.14
CA SER B 243 -5.02 -6.08 11.28
C SER B 243 -4.15 -6.54 12.44
N PHE B 244 -2.83 -6.53 12.22
CA PHE B 244 -1.84 -6.84 13.21
C PHE B 244 -1.24 -5.56 13.82
N SER B 245 -1.77 -4.41 13.41
CA SER B 245 -1.25 -3.18 13.92
C SER B 245 -1.19 -3.11 15.40
N LYS B 246 -2.28 -3.44 16.07
CA LYS B 246 -2.32 -3.31 17.52
C LYS B 246 -1.77 -4.48 18.23
N ASN B 247 -2.24 -5.66 17.87
CA ASN B 247 -1.89 -6.87 18.60
C ASN B 247 -0.50 -7.39 18.27
N LEU B 248 0.10 -6.89 17.19
CA LEU B 248 1.49 -7.12 16.99
C LEU B 248 2.38 -5.91 17.33
N SER B 249 1.73 -4.77 17.62
CA SER B 249 2.34 -3.46 17.82
C SER B 249 3.19 -3.07 16.65
N LEU B 250 2.61 -3.29 15.47
CA LEU B 250 3.34 -3.10 14.25
C LEU B 250 2.69 -2.17 13.25
N TYR B 251 2.08 -1.11 13.77
CA TYR B 251 1.30 -0.12 13.01
C TYR B 251 1.98 0.34 11.75
N GLY B 252 3.25 0.75 11.88
CA GLY B 252 4.05 1.26 10.78
C GLY B 252 4.33 0.35 9.58
N GLU B 253 4.36 -0.95 9.82
CA GLU B 253 4.82 -1.88 8.77
C GLU B 253 3.68 -2.30 7.90
N ARG B 254 2.44 -1.97 8.30
CA ARG B 254 1.30 -2.16 7.43
C ARG B 254 1.01 -3.61 7.08
N VAL B 255 0.57 -4.34 8.07
CA VAL B 255 0.37 -5.76 8.02
C VAL B 255 -1.07 -6.12 8.44
N GLY B 256 -1.72 -6.95 7.63
CA GLY B 256 -3.06 -7.33 7.92
C GLY B 256 -3.41 -8.34 6.87
N GLY B 257 -4.68 -8.66 6.76
CA GLY B 257 -5.09 -9.72 5.86
C GLY B 257 -6.52 -9.51 5.46
N LEU B 258 -6.86 -10.00 4.29
CA LEU B 258 -8.26 -10.04 3.80
C LEU B 258 -8.51 -11.47 3.53
N SER B 259 -9.61 -11.95 4.05
CA SER B 259 -10.03 -13.32 3.84
C SER B 259 -11.47 -13.38 3.32
N VAL B 260 -11.71 -14.22 2.31
CA VAL B 260 -13.07 -14.34 1.71
C VAL B 260 -13.45 -15.78 1.86
N VAL B 261 -14.49 -16.06 2.65
CA VAL B 261 -14.95 -17.44 2.83
C VAL B 261 -15.96 -17.81 1.72
N CYS B 262 -15.71 -18.91 0.99
CA CYS B 262 -16.48 -19.29 -0.21
C CYS B 262 -17.17 -20.62 -0.08
N PRO B 263 -18.35 -20.82 -0.75
CA PRO B 263 -19.04 -22.09 -0.61
C PRO B 263 -18.34 -23.26 -1.24
N THR B 264 -17.51 -23.06 -2.24
CA THR B 264 -16.80 -24.17 -2.89
C THR B 264 -15.41 -23.81 -3.29
N VAL B 265 -14.57 -24.82 -3.43
CA VAL B 265 -13.19 -24.63 -3.81
C VAL B 265 -13.04 -23.84 -5.12
N ASP B 266 -13.94 -24.07 -6.06
CA ASP B 266 -13.80 -23.48 -7.38
C ASP B 266 -14.05 -21.97 -7.26
N GLU B 267 -15.01 -21.60 -6.43
CA GLU B 267 -15.33 -20.19 -6.18
C GLU B 267 -14.16 -19.54 -5.43
N THR B 268 -13.55 -20.31 -4.56
CA THR B 268 -12.33 -19.88 -3.85
C THR B 268 -11.23 -19.44 -4.79
N GLU B 269 -11.01 -20.24 -5.80
CA GLU B 269 -10.04 -19.88 -6.83
C GLU B 269 -10.46 -18.64 -7.63
N ARG B 270 -11.72 -18.49 -7.97
CA ARG B 270 -12.11 -17.32 -8.78
C ARG B 270 -11.86 -16.05 -7.99
N VAL B 271 -12.35 -16.06 -6.75
CA VAL B 271 -12.20 -14.95 -5.84
C VAL B 271 -10.72 -14.69 -5.59
N PHE B 272 -9.94 -15.74 -5.40
CA PHE B 272 -8.50 -15.53 -5.12
C PHE B 272 -7.77 -14.85 -6.27
N GLY B 273 -8.11 -15.24 -7.48
CA GLY B 273 -7.52 -14.63 -8.68
C GLY B 273 -7.89 -13.16 -8.83
N GLN B 274 -9.11 -12.82 -8.56
CA GLN B 274 -9.54 -11.44 -8.70
C GLN B 274 -9.01 -10.59 -7.61
N LEU B 275 -8.74 -11.16 -6.42
CA LEU B 275 -8.15 -10.41 -5.34
C LEU B 275 -6.76 -10.00 -5.77
N ASN B 276 -6.01 -10.95 -6.28
CA ASN B 276 -4.71 -10.65 -6.86
C ASN B 276 -4.75 -9.58 -7.95
N SER B 277 -5.70 -9.69 -8.88
CA SER B 277 -5.89 -8.69 -9.94
C SER B 277 -6.22 -7.35 -9.37
N THR B 278 -6.94 -7.34 -8.25
CA THR B 278 -7.26 -6.06 -7.59
C THR B 278 -6.00 -5.50 -6.93
N VAL B 279 -5.23 -6.38 -6.32
CA VAL B 279 -3.94 -5.91 -5.76
C VAL B 279 -3.05 -5.30 -6.85
N ARG B 280 -3.02 -5.96 -7.99
CA ARG B 280 -2.16 -5.49 -9.08
C ARG B 280 -2.42 -4.06 -9.52
N ARG B 281 -3.67 -3.76 -9.66
CA ARG B 281 -4.07 -2.42 -10.02
C ARG B 281 -4.00 -1.35 -8.94
N ILE B 282 -3.74 -1.72 -7.69
CA ILE B 282 -3.57 -0.71 -6.64
C ILE B 282 -2.09 -0.42 -6.29
N TYR B 283 -1.41 -1.43 -5.77
CA TYR B 283 -0.02 -1.25 -5.30
C TYR B 283 0.93 -2.38 -5.64
N SER B 284 0.46 -3.34 -6.43
CA SER B 284 1.30 -4.39 -7.05
C SER B 284 1.67 -5.53 -6.12
N SER B 285 2.24 -5.24 -4.96
CA SER B 285 2.38 -6.25 -3.91
C SER B 285 2.74 -5.65 -2.57
N PRO B 286 2.61 -6.43 -1.48
CA PRO B 286 2.68 -5.88 -0.19
C PRO B 286 4.16 -5.82 0.34
N PRO B 287 4.40 -5.06 1.41
CA PRO B 287 5.82 -4.88 1.93
C PRO B 287 6.41 -6.09 2.57
N SER B 288 7.67 -6.37 2.25
CA SER B 288 8.32 -7.60 2.73
C SER B 288 8.61 -7.66 4.18
N HIS B 289 9.13 -6.59 4.75
CA HIS B 289 9.51 -6.58 6.13
C HIS B 289 8.38 -6.91 7.04
N GLY B 290 7.26 -6.18 6.91
CA GLY B 290 6.10 -6.48 7.68
C GLY B 290 5.60 -7.89 7.45
N GLY B 291 5.50 -8.29 6.20
CA GLY B 291 5.09 -9.67 5.89
C GLY B 291 6.01 -10.72 6.51
N ARG B 292 7.32 -10.49 6.51
CA ARG B 292 8.23 -11.49 7.09
C ARG B 292 7.98 -11.62 8.57
N VAL B 293 7.68 -10.49 9.23
CA VAL B 293 7.49 -10.53 10.64
C VAL B 293 6.29 -11.40 10.93
N VAL B 294 5.19 -11.10 10.28
CA VAL B 294 3.98 -11.86 10.46
C VAL B 294 4.29 -13.32 10.16
N ASP B 295 4.96 -13.58 9.07
CA ASP B 295 5.27 -14.99 8.75
C ASP B 295 6.03 -15.69 9.86
N ILE B 296 7.07 -15.06 10.36
CA ILE B 296 7.91 -15.68 11.29
C ILE B 296 7.15 -15.92 12.57
N VAL B 297 6.42 -14.91 13.05
CA VAL B 297 5.75 -14.94 14.35
C VAL B 297 4.55 -15.91 14.35
N MET B 298 3.78 -15.86 13.29
CA MET B 298 2.65 -16.77 13.23
C MET B 298 3.09 -18.21 13.12
N ASN B 299 4.20 -18.45 12.42
CA ASN B 299 4.53 -19.85 12.07
C ASN B 299 5.54 -20.54 12.92
N ASP B 300 6.26 -19.79 13.72
CA ASP B 300 7.10 -20.38 14.68
C ASP B 300 6.24 -20.65 15.95
N ALA B 301 6.17 -21.90 16.37
CA ALA B 301 5.30 -22.26 17.51
C ALA B 301 5.72 -21.60 18.81
N ALA B 302 7.03 -21.46 19.08
CA ALA B 302 7.50 -20.73 20.26
C ALA B 302 7.19 -19.22 20.21
N LEU B 303 7.31 -18.60 19.04
CA LEU B 303 6.98 -17.19 18.86
C LEU B 303 5.49 -16.92 18.91
N HIS B 304 4.72 -17.81 18.30
CA HIS B 304 3.28 -17.68 18.33
C HIS B 304 2.78 -17.73 19.79
N GLU B 305 3.25 -18.71 20.54
CA GLU B 305 2.85 -18.86 21.94
C GLU B 305 3.29 -17.71 22.77
N GLN B 306 4.53 -17.22 22.57
CA GLN B 306 4.95 -16.04 23.24
C GLN B 306 4.04 -14.83 22.89
N TRP B 307 3.73 -14.68 21.59
CA TRP B 307 2.93 -13.61 21.07
C TRP B 307 1.54 -13.58 21.70
N VAL B 308 0.87 -14.73 21.77
CA VAL B 308 -0.42 -14.76 22.46
C VAL B 308 -0.29 -14.25 23.93
N GLY B 309 0.76 -14.72 24.59
CA GLY B 309 1.05 -14.28 25.96
C GLY B 309 1.24 -12.79 26.06
N GLU B 310 1.85 -12.20 25.05
CA GLU B 310 2.06 -10.78 25.04
C GLU B 310 0.78 -10.00 24.88
N VAL B 311 -0.17 -10.54 24.13
CA VAL B 311 -1.42 -9.86 23.85
C VAL B 311 -2.29 -10.01 25.04
N TYR B 312 -2.25 -11.19 25.63
CA TYR B 312 -2.95 -11.39 26.91
C TYR B 312 -2.58 -10.37 27.98
N ALA B 313 -1.29 -10.13 28.16
CA ALA B 313 -0.86 -9.11 29.10
C ALA B 313 -1.35 -7.71 28.70
N MET B 314 -1.34 -7.40 27.41
CA MET B 314 -1.84 -6.11 26.96
C MET B 314 -3.33 -5.94 27.25
N ARG B 315 -4.11 -7.02 27.03
CA ARG B 315 -5.53 -6.99 27.29
C ARG B 315 -5.77 -6.89 28.79
N ASP B 316 -5.05 -7.68 29.58
CA ASP B 316 -5.25 -7.68 31.04
C ASP B 316 -4.97 -6.30 31.56
N ARG B 317 -3.92 -5.67 31.04
CA ARG B 317 -3.62 -4.28 31.50
C ARG B 317 -4.72 -3.28 31.17
N ILE B 318 -5.33 -3.45 30.00
CA ILE B 318 -6.41 -2.54 29.62
C ILE B 318 -7.58 -2.81 30.56
N LYS B 319 -7.89 -4.08 30.75
CA LYS B 319 -8.94 -4.46 31.70
C LYS B 319 -8.71 -3.89 33.15
N SER B 320 -7.47 -3.95 33.65
CA SER B 320 -7.14 -3.33 34.94
C SER B 320 -7.44 -1.82 34.98
N MET B 321 -7.24 -1.13 33.86
CA MET B 321 -7.41 0.30 33.83
C MET B 321 -8.88 0.61 33.86
N ARG B 322 -9.68 -0.20 33.16
CA ARG B 322 -11.14 -0.06 33.18
C ARG B 322 -11.68 -0.19 34.62
N THR B 323 -11.34 -1.30 35.28
CA THR B 323 -11.64 -1.54 36.72
C THR B 323 -11.17 -0.40 37.68
N LYS B 324 -9.93 0.02 37.58
CA LYS B 324 -9.48 1.13 38.45
C LYS B 324 -10.23 2.42 38.18
N LEU B 325 -10.46 2.73 36.90
CA LEU B 325 -11.23 3.92 36.56
C LEU B 325 -12.64 3.89 37.13
N LYS B 326 -13.32 2.75 37.00
CA LYS B 326 -14.65 2.59 37.51
C LYS B 326 -14.68 2.73 39.03
N SER B 327 -13.74 2.07 39.70
CA SER B 327 -13.66 2.11 41.16
C SER B 327 -13.54 3.53 41.72
N VAL B 328 -12.79 4.38 41.04
CA VAL B 328 -12.62 5.77 41.51
C VAL B 328 -13.94 6.47 41.33
N LEU B 329 -14.53 6.30 40.14
CA LEU B 329 -15.78 6.97 39.81
C LEU B 329 -16.95 6.59 40.68
N GLU B 330 -17.13 5.31 40.93
CA GLU B 330 -18.23 4.83 41.75
C GLU B 330 -18.01 5.20 43.20
N ALA B 331 -16.76 5.17 43.65
CA ALA B 331 -16.43 5.60 45.01
C ALA B 331 -16.75 7.10 45.21
N LYS B 332 -16.58 7.89 44.17
CA LYS B 332 -16.75 9.33 44.29
C LYS B 332 -18.04 9.89 43.71
N ILE B 333 -18.77 9.14 42.89
CA ILE B 333 -20.06 9.66 42.34
C ILE B 333 -21.25 8.76 42.64
N SER B 334 -22.11 9.21 43.56
CA SER B 334 -23.24 8.44 44.07
C SER B 334 -24.39 8.43 43.10
N GLY B 335 -25.01 7.26 42.90
CA GLY B 335 -26.20 7.08 42.06
C GLY B 335 -25.99 7.10 40.56
N ARG B 336 -24.74 7.03 40.13
CA ARG B 336 -24.42 6.76 38.74
C ARG B 336 -23.78 5.37 38.73
N ASN B 337 -24.31 4.48 37.87
CA ASN B 337 -23.71 3.19 37.59
C ASN B 337 -22.63 3.36 36.53
N PHE B 338 -21.43 2.83 36.80
CA PHE B 338 -20.34 2.84 35.86
C PHE B 338 -19.90 1.43 35.37
N ASP B 339 -20.77 0.45 35.51
CA ASP B 339 -20.47 -0.92 35.02
C ASP B 339 -20.24 -0.95 33.52
N TYR B 340 -20.83 -0.04 32.77
CA TYR B 340 -20.58 0.03 31.33
C TYR B 340 -19.08 0.14 30.95
N LEU B 341 -18.30 0.78 31.80
CA LEU B 341 -16.87 0.91 31.59
C LEU B 341 -16.14 -0.44 31.58
N THR B 342 -16.52 -1.37 32.44
CA THR B 342 -15.94 -2.70 32.48
C THR B 342 -16.66 -3.68 31.54
N ALA B 343 -17.92 -3.38 31.24
CA ALA B 343 -18.69 -4.10 30.27
C ALA B 343 -18.14 -3.91 28.85
N GLN B 344 -17.71 -2.69 28.52
CA GLN B 344 -17.08 -2.46 27.21
C GLN B 344 -15.78 -3.25 27.03
N ASN B 345 -15.46 -3.56 25.78
CA ASN B 345 -14.32 -4.40 25.46
C ASN B 345 -13.34 -3.68 24.55
N GLY B 346 -12.09 -4.20 24.49
CA GLY B 346 -11.10 -3.66 23.64
C GLY B 346 -10.45 -2.37 24.14
N MET B 347 -9.87 -1.65 23.18
CA MET B 347 -9.16 -0.43 23.44
C MET B 347 -10.02 0.79 23.67
N PHE B 348 -11.25 0.80 23.14
CA PHE B 348 -12.05 2.01 23.18
C PHE B 348 -13.12 1.97 24.22
N SER B 349 -13.50 3.17 24.62
CA SER B 349 -14.59 3.35 25.56
C SER B 349 -15.44 4.58 25.25
N PHE B 350 -16.74 4.38 25.06
CA PHE B 350 -17.68 5.52 25.06
C PHE B 350 -17.95 5.91 26.50
N THR B 351 -17.34 7.01 26.96
CA THR B 351 -17.33 7.32 28.38
C THR B 351 -18.68 7.86 28.91
N GLY B 352 -19.59 8.23 28.01
CA GLY B 352 -20.85 8.80 28.39
C GLY B 352 -20.81 10.31 28.55
N LEU B 353 -19.62 10.90 28.49
CA LEU B 353 -19.45 12.31 28.71
C LEU B 353 -19.96 13.08 27.51
N THR B 354 -20.52 14.24 27.77
CA THR B 354 -21.10 15.07 26.71
C THR B 354 -19.95 15.83 26.06
N PRO B 355 -20.15 16.39 24.85
CA PRO B 355 -19.14 17.20 24.23
C PRO B 355 -18.57 18.34 25.14
N GLU B 356 -19.43 18.96 25.92
CA GLU B 356 -19.05 20.02 26.88
C GLU B 356 -18.09 19.51 27.93
N GLN B 357 -18.39 18.33 28.45
CA GLN B 357 -17.55 17.71 29.49
C GLN B 357 -16.20 17.34 28.91
N VAL B 358 -16.20 16.76 27.70
CA VAL B 358 -14.98 16.37 26.98
C VAL B 358 -14.07 17.60 26.78
N GLU B 359 -14.70 18.70 26.38
CA GLU B 359 -14.02 19.96 26.11
C GLU B 359 -13.49 20.62 27.40
N ARG B 360 -14.25 20.56 28.46
CA ARG B 360 -13.80 20.97 29.77
C ARG B 360 -12.60 20.09 30.22
N LEU B 361 -12.67 18.80 29.93
CA LEU B 361 -11.55 17.90 30.21
C LEU B 361 -10.23 18.36 29.51
N GLN B 362 -10.36 18.84 28.27
CA GLN B 362 -9.25 19.51 27.60
C GLN B 362 -8.78 20.82 28.27
N SER B 363 -9.70 21.76 28.44
CA SER B 363 -9.36 23.08 28.97
C SER B 363 -8.82 23.06 30.40
N GLU B 364 -9.52 22.38 31.30
CA GLU B 364 -9.17 22.39 32.70
C GLU B 364 -7.97 21.48 33.04
N PHE B 365 -7.89 20.34 32.36
CA PHE B 365 -6.89 19.33 32.69
C PHE B 365 -5.92 18.93 31.56
N GLY B 366 -6.08 19.49 30.35
CA GLY B 366 -5.32 19.02 29.20
C GLY B 366 -5.49 17.53 28.84
N ILE B 367 -6.67 16.99 29.09
CA ILE B 367 -6.95 15.58 28.89
C ILE B 367 -7.81 15.53 27.66
N TYR B 368 -7.32 14.81 26.67
CA TYR B 368 -7.89 14.80 25.33
C TYR B 368 -8.66 13.51 25.03
N MET B 369 -9.95 13.68 24.71
CA MET B 369 -10.80 12.59 24.22
C MET B 369 -11.49 13.03 22.93
N ILE B 370 -12.26 12.17 22.29
CA ILE B 370 -12.97 12.57 21.09
C ILE B 370 -14.24 13.17 21.64
N SER B 371 -14.75 14.16 20.92
CA SER B 371 -15.96 14.89 21.26
C SER B 371 -17.18 13.99 21.48
N ASN B 372 -17.25 12.90 20.71
CA ASN B 372 -18.29 11.90 20.88
C ASN B 372 -18.11 11.10 22.17
N SER B 373 -17.13 11.49 22.96
CA SER B 373 -16.82 10.88 24.25
C SER B 373 -15.87 9.67 24.20
N ARG B 374 -15.36 9.31 23.02
CA ARG B 374 -14.47 8.14 22.91
C ARG B 374 -13.18 8.36 23.68
N MET B 375 -12.82 7.40 24.50
CA MET B 375 -11.53 7.37 25.16
C MET B 375 -10.72 6.11 24.76
N CYS B 376 -9.40 6.25 24.60
CA CYS B 376 -8.53 5.06 24.47
C CYS B 376 -7.98 4.68 25.83
N VAL B 377 -8.40 3.51 26.32
CA VAL B 377 -8.10 3.08 27.64
C VAL B 377 -6.63 2.80 27.74
N ALA B 378 -5.97 2.38 26.63
CA ALA B 378 -4.55 2.07 26.74
C ALA B 378 -3.70 3.35 27.03
N GLY B 379 -4.30 4.52 26.77
CA GLY B 379 -3.72 5.77 27.15
C GLY B 379 -3.56 5.94 28.63
N LEU B 380 -4.45 5.35 29.38
CA LEU B 380 -4.38 5.30 30.81
C LEU B 380 -3.31 4.33 31.34
N ASN B 381 -2.64 4.76 32.40
CA ASN B 381 -1.68 3.90 33.10
C ASN B 381 -1.59 4.34 34.53
N SER B 382 -0.82 3.60 35.34
CA SER B 382 -0.76 3.87 36.78
C SER B 382 -0.29 5.32 37.08
N SER B 383 0.52 5.92 36.20
CA SER B 383 1.00 7.28 36.41
C SER B 383 -0.08 8.34 36.21
N ASN B 384 -1.05 8.09 35.32
CA ASN B 384 -2.02 9.14 35.00
C ASN B 384 -3.43 8.80 35.45
N ILE B 385 -3.64 7.59 35.94
CA ILE B 385 -4.99 7.12 36.21
C ILE B 385 -5.77 8.02 37.19
N ASP B 386 -5.16 8.31 38.32
CA ASP B 386 -5.85 8.99 39.38
C ASP B 386 -6.17 10.37 38.89
N TYR B 387 -5.19 10.98 38.22
CA TYR B 387 -5.36 12.32 37.72
C TYR B 387 -6.53 12.37 36.73
N VAL B 388 -6.58 11.39 35.81
CA VAL B 388 -7.66 11.35 34.81
C VAL B 388 -9.02 11.00 35.44
N ALA B 389 -9.04 10.00 36.32
CA ALA B 389 -10.28 9.60 37.00
C ALA B 389 -10.88 10.71 37.84
N ASN B 390 -10.03 11.44 38.54
CA ASN B 390 -10.45 12.50 39.43
C ASN B 390 -10.91 13.71 38.66
N ALA B 391 -10.28 14.01 37.52
CA ALA B 391 -10.73 15.10 36.65
C ALA B 391 -12.09 14.78 36.06
N MET B 392 -12.27 13.51 35.68
CA MET B 392 -13.55 13.07 35.15
C MET B 392 -14.68 13.23 36.16
N VAL B 393 -14.39 12.91 37.43
CA VAL B 393 -15.32 13.14 38.54
C VAL B 393 -15.81 14.59 38.59
N ASP B 394 -14.87 15.53 38.47
CA ASP B 394 -15.14 16.97 38.55
C ASP B 394 -15.97 17.45 37.36
N VAL B 395 -15.65 17.04 36.13
CA VAL B 395 -16.51 17.38 34.97
C VAL B 395 -17.95 16.85 35.06
N LEU B 396 -18.14 15.70 35.70
CA LEU B 396 -19.47 15.10 35.90
C LEU B 396 -20.32 15.73 36.99
N LYS B 397 -19.68 16.30 37.99
CA LYS B 397 -20.38 16.97 39.08
C LYS B 397 -21.01 18.30 38.71
N ASP B 398 -20.46 19.02 37.73
CA ASP B 398 -20.91 20.40 37.39
C ASP B 398 -22.38 20.43 36.98
#